data_181D
# 
_entry.id   181D 
# 
_audit_conform.dict_name       mmcif_pdbx.dic 
_audit_conform.dict_version    5.385 
_audit_conform.dict_location   http://mmcif.pdb.org/dictionaries/ascii/mmcif_pdbx.dic 
# 
loop_
_database_2.database_id 
_database_2.database_code 
_database_2.pdbx_database_accession 
_database_2.pdbx_DOI 
PDB   181D         pdb_0000181d 10.2210/pdb181d/pdb 
RCSB  ZDF039       ?            ?                   
WWPDB D_1000170181 ?            ?                   
# 
loop_
_pdbx_audit_revision_history.ordinal 
_pdbx_audit_revision_history.data_content_type 
_pdbx_audit_revision_history.major_revision 
_pdbx_audit_revision_history.minor_revision 
_pdbx_audit_revision_history.revision_date 
1 'Structure model' 1 0 1995-07-19 
2 'Structure model' 1 1 2008-05-22 
3 'Structure model' 1 2 2011-07-13 
4 'Structure model' 1 3 2018-04-18 
5 'Structure model' 1 4 2024-02-07 
# 
_pdbx_audit_revision_details.ordinal             1 
_pdbx_audit_revision_details.revision_ordinal    1 
_pdbx_audit_revision_details.data_content_type   'Structure model' 
_pdbx_audit_revision_details.provider            repository 
_pdbx_audit_revision_details.type                'Initial release' 
_pdbx_audit_revision_details.description         ? 
_pdbx_audit_revision_details.details             ? 
# 
loop_
_pdbx_audit_revision_group.ordinal 
_pdbx_audit_revision_group.revision_ordinal 
_pdbx_audit_revision_group.data_content_type 
_pdbx_audit_revision_group.group 
1 2 'Structure model' 'Version format compliance' 
2 3 'Structure model' 'Version format compliance' 
3 4 'Structure model' 'Data collection'           
4 5 'Structure model' 'Data collection'           
5 5 'Structure model' 'Database references'       
# 
loop_
_pdbx_audit_revision_category.ordinal 
_pdbx_audit_revision_category.revision_ordinal 
_pdbx_audit_revision_category.data_content_type 
_pdbx_audit_revision_category.category 
1 4 'Structure model' diffrn_detector 
2 5 'Structure model' chem_comp_atom  
3 5 'Structure model' chem_comp_bond  
4 5 'Structure model' database_2      
# 
loop_
_pdbx_audit_revision_item.ordinal 
_pdbx_audit_revision_item.revision_ordinal 
_pdbx_audit_revision_item.data_content_type 
_pdbx_audit_revision_item.item 
1 4 'Structure model' '_diffrn_detector.detector'           
2 5 'Structure model' '_database_2.pdbx_DOI'                
3 5 'Structure model' '_database_2.pdbx_database_accession' 
# 
_pdbx_database_status.status_code                     REL 
_pdbx_database_status.entry_id                        181D 
_pdbx_database_status.recvd_initial_deposition_date   1994-07-22 
_pdbx_database_status.deposit_site                    BNL 
_pdbx_database_status.process_site                    NDB 
_pdbx_database_status.SG_entry                        . 
_pdbx_database_status.pdb_format_compatible           Y 
_pdbx_database_status.status_code_mr                  ? 
_pdbx_database_status.status_code_sf                  ? 
_pdbx_database_status.status_code_cs                  ? 
_pdbx_database_status.methods_development_category    ? 
_pdbx_database_status.status_code_nmr_data            ? 
# 
loop_
_audit_author.name 
_audit_author.pdbx_ordinal 
'Sadasivan, C.' 1 
'Gautham, N.'   2 
# 
loop_
_citation.id 
_citation.title 
_citation.journal_abbrev 
_citation.journal_volume 
_citation.page_first 
_citation.page_last 
_citation.year 
_citation.journal_id_ASTM 
_citation.country 
_citation.journal_id_ISSN 
_citation.journal_id_CSD 
_citation.book_publisher 
_citation.pdbx_database_id_PubMed 
_citation.pdbx_database_id_DOI 
primary 
;Sequence-dependent microheterogeneity of Z-DNA: the crystal and molecular structures of d(CACGCG).d(CGCGTG) and d(CGCACG).d(CGTGCG).
;
J.Mol.Biol.                248 918 930 1995 JMOBAK UK 0022-2836 0070 ? 7760333 10.1006/jmbi.1995.9894 
1       'Plasticity of Z-DNA as Observed in the Crystal Structures of Non-Selfcomplementary Hexanucleotides' 'To be Published' ?   
?   ?   ?    ?      ?  ?         0353 ? ?       ?                      
2       'Space Group Degeneracy in the Packing of a Non-Selfcomplementary Z-DNA Hexamer' 'Acta Crystallogr.,Sect.D' 50  192 196 
1994 ABCRE6 DK 0907-4449 0766 ? ?       ?                      
# 
loop_
_citation_author.citation_id 
_citation_author.name 
_citation_author.ordinal 
_citation_author.identifier_ORCID 
primary 'Sadasivan, C.' 1 ? 
primary 'Gautham, N.'   2 ? 
1       'Sadasivan, C.' 3 ? 
1       'Gautham, N.'   4 ? 
2       'Sadasivan, C.' 5 ? 
2       'Karthe, P.'    6 ? 
2       'Gautham, N.'   7 ? 
# 
loop_
_entity.id 
_entity.type 
_entity.src_method 
_entity.pdbx_description 
_entity.formula_weight 
_entity.pdbx_number_of_molecules 
_entity.pdbx_ec 
_entity.pdbx_mutation 
_entity.pdbx_fragment 
_entity.details 
1 polymer syn 
;DNA (5'-D(*CP*AP*CP*GP*CP*G)-3')
;
1794.206 1  ? ? ? ? 
2 polymer syn 
;DNA (5'-D(*CP*GP*CP*GP*TP*G)-3')
;
1825.216 1  ? ? ? ? 
3 water   nat water                              18.015   42 ? ? ? ? 
# 
loop_
_entity_poly.entity_id 
_entity_poly.type 
_entity_poly.nstd_linkage 
_entity_poly.nstd_monomer 
_entity_poly.pdbx_seq_one_letter_code 
_entity_poly.pdbx_seq_one_letter_code_can 
_entity_poly.pdbx_strand_id 
_entity_poly.pdbx_target_identifier 
1 polydeoxyribonucleotide no no '(DC)(DA)(DC)(DG)(DC)(DG)' CACGCG A ? 
2 polydeoxyribonucleotide no no '(DC)(DG)(DC)(DG)(DT)(DG)' CGCGTG B ? 
# 
_pdbx_entity_nonpoly.entity_id   3 
_pdbx_entity_nonpoly.name        water 
_pdbx_entity_nonpoly.comp_id     HOH 
# 
loop_
_entity_poly_seq.entity_id 
_entity_poly_seq.num 
_entity_poly_seq.mon_id 
_entity_poly_seq.hetero 
1 1 DC n 
1 2 DA n 
1 3 DC n 
1 4 DG n 
1 5 DC n 
1 6 DG n 
2 1 DC n 
2 2 DG n 
2 3 DC n 
2 4 DG n 
2 5 DT n 
2 6 DG n 
# 
loop_
_chem_comp.id 
_chem_comp.type 
_chem_comp.mon_nstd_flag 
_chem_comp.name 
_chem_comp.pdbx_synonyms 
_chem_comp.formula 
_chem_comp.formula_weight 
DA  'DNA linking' y "2'-DEOXYADENOSINE-5'-MONOPHOSPHATE" ? 'C10 H14 N5 O6 P' 331.222 
DC  'DNA linking' y "2'-DEOXYCYTIDINE-5'-MONOPHOSPHATE"  ? 'C9 H14 N3 O7 P'  307.197 
DG  'DNA linking' y "2'-DEOXYGUANOSINE-5'-MONOPHOSPHATE" ? 'C10 H14 N5 O7 P' 347.221 
DT  'DNA linking' y "THYMIDINE-5'-MONOPHOSPHATE"         ? 'C10 H15 N2 O8 P' 322.208 
HOH non-polymer   . WATER                                ? 'H2 O'            18.015  
# 
loop_
_pdbx_poly_seq_scheme.asym_id 
_pdbx_poly_seq_scheme.entity_id 
_pdbx_poly_seq_scheme.seq_id 
_pdbx_poly_seq_scheme.mon_id 
_pdbx_poly_seq_scheme.ndb_seq_num 
_pdbx_poly_seq_scheme.pdb_seq_num 
_pdbx_poly_seq_scheme.auth_seq_num 
_pdbx_poly_seq_scheme.pdb_mon_id 
_pdbx_poly_seq_scheme.auth_mon_id 
_pdbx_poly_seq_scheme.pdb_strand_id 
_pdbx_poly_seq_scheme.pdb_ins_code 
_pdbx_poly_seq_scheme.hetero 
A 1 1 DC 1 1  1  DC C A . n 
A 1 2 DA 2 2  2  DA A A . n 
A 1 3 DC 3 3  3  DC C A . n 
A 1 4 DG 4 4  4  DG G A . n 
A 1 5 DC 5 5  5  DC C A . n 
A 1 6 DG 6 6  6  DG G A . n 
B 2 1 DC 1 7  7  DC C B . n 
B 2 2 DG 2 8  8  DG G B . n 
B 2 3 DC 3 9  9  DC C B . n 
B 2 4 DG 4 10 10 DG G B . n 
B 2 5 DT 5 11 11 DT T B . n 
B 2 6 DG 6 12 12 DG G B . n 
# 
loop_
_pdbx_nonpoly_scheme.asym_id 
_pdbx_nonpoly_scheme.entity_id 
_pdbx_nonpoly_scheme.mon_id 
_pdbx_nonpoly_scheme.ndb_seq_num 
_pdbx_nonpoly_scheme.pdb_seq_num 
_pdbx_nonpoly_scheme.auth_seq_num 
_pdbx_nonpoly_scheme.pdb_mon_id 
_pdbx_nonpoly_scheme.auth_mon_id 
_pdbx_nonpoly_scheme.pdb_strand_id 
_pdbx_nonpoly_scheme.pdb_ins_code 
C 3 HOH 1  16 16 HOH HOH A . 
C 3 HOH 2  18 18 HOH HOH A . 
C 3 HOH 3  21 21 HOH HOH A . 
C 3 HOH 4  23 23 HOH HOH A . 
C 3 HOH 5  25 25 HOH HOH A . 
C 3 HOH 6  27 27 HOH HOH A . 
C 3 HOH 7  29 29 HOH HOH A . 
C 3 HOH 8  30 30 HOH HOH A . 
C 3 HOH 9  32 32 HOH HOH A . 
C 3 HOH 10 33 33 HOH HOH A . 
C 3 HOH 11 36 36 HOH HOH A . 
C 3 HOH 12 37 37 HOH HOH A . 
C 3 HOH 13 38 38 HOH HOH A . 
C 3 HOH 14 39 39 HOH HOH A . 
C 3 HOH 15 40 40 HOH HOH A . 
C 3 HOH 16 45 45 HOH HOH A . 
C 3 HOH 17 47 47 HOH HOH A . 
C 3 HOH 18 48 48 HOH HOH A . 
C 3 HOH 19 50 50 HOH HOH A . 
C 3 HOH 20 51 51 HOH HOH A . 
C 3 HOH 21 54 54 HOH HOH A . 
D 3 HOH 1  13 13 HOH HOH B . 
D 3 HOH 2  14 14 HOH HOH B . 
D 3 HOH 3  15 15 HOH HOH B . 
D 3 HOH 4  17 17 HOH HOH B . 
D 3 HOH 5  19 19 HOH HOH B . 
D 3 HOH 6  20 20 HOH HOH B . 
D 3 HOH 7  22 22 HOH HOH B . 
D 3 HOH 8  24 24 HOH HOH B . 
D 3 HOH 9  26 26 HOH HOH B . 
D 3 HOH 10 28 28 HOH HOH B . 
D 3 HOH 11 31 31 HOH HOH B . 
D 3 HOH 12 34 34 HOH HOH B . 
D 3 HOH 13 35 35 HOH HOH B . 
D 3 HOH 14 41 41 HOH HOH B . 
D 3 HOH 15 42 42 HOH HOH B . 
D 3 HOH 16 43 43 HOH HOH B . 
D 3 HOH 17 44 44 HOH HOH B . 
D 3 HOH 18 46 46 HOH HOH B . 
D 3 HOH 19 49 49 HOH HOH B . 
D 3 HOH 20 52 52 HOH HOH B . 
D 3 HOH 21 53 53 HOH HOH B . 
# 
_software.name             NUCLSQ 
_software.classification   refinement 
_software.version          . 
_software.citation_id      ? 
_software.pdbx_ordinal     1 
# 
_cell.entry_id           181D 
_cell.length_a           17.760 
_cell.length_b           30.960 
_cell.length_c           44.750 
_cell.angle_alpha        90.00 
_cell.angle_beta         90.00 
_cell.angle_gamma        90.00 
_cell.Z_PDB              4 
_cell.pdbx_unique_axis   ? 
# 
_symmetry.entry_id                         181D 
_symmetry.space_group_name_H-M             'P 21 21 21' 
_symmetry.pdbx_full_space_group_name_H-M   ? 
_symmetry.cell_setting                     ? 
_symmetry.Int_Tables_number                19 
# 
_exptl.entry_id          181D 
_exptl.method            'X-RAY DIFFRACTION' 
_exptl.crystals_number   ? 
# 
_exptl_crystal.id                    1 
_exptl_crystal.density_meas          ? 
_exptl_crystal.density_Matthews      1.70 
_exptl_crystal.density_percent_sol   27.63 
_exptl_crystal.description           ? 
# 
_exptl_crystal_grow.crystal_id      1 
_exptl_crystal_grow.method          'VAPOR DIFFUSION, HANGING DROP' 
_exptl_crystal_grow.temp            ? 
_exptl_crystal_grow.temp_details    'ROOM TEMPERATURE' 
_exptl_crystal_grow.pH              6.90 
_exptl_crystal_grow.pdbx_details    'pH 6.90, VAPOR DIFFUSION, HANGING DROP' 
_exptl_crystal_grow.pdbx_pH_range   ? 
# 
loop_
_exptl_crystal_grow_comp.crystal_id 
_exptl_crystal_grow_comp.id 
_exptl_crystal_grow_comp.sol_id 
_exptl_crystal_grow_comp.name 
_exptl_crystal_grow_comp.volume 
_exptl_crystal_grow_comp.conc 
_exptl_crystal_grow_comp.details 
1 1 1 WATER           ? ? ? 
1 2 1 'NA CACODYLATE' ? ? ? 
1 3 1 MGCL2           ? ? ? 
1 4 1 SPERMINE        ? ? ? 
1 5 2 WATER           ? ? ? 
1 6 2 MPD             ? ? ? 
# 
_diffrn.id                     1 
_diffrn.ambient_temp           296.00 
_diffrn.ambient_temp_details   ? 
_diffrn.crystal_id             1 
# 
_diffrn_detector.diffrn_id              1 
_diffrn_detector.detector               DIFFRACTOMETER 
_diffrn_detector.type                   'ENRAF-NONIUS CAD4' 
_diffrn_detector.pdbx_collection_date   ? 
_diffrn_detector.details                ? 
# 
_diffrn_radiation.diffrn_id                        1 
_diffrn_radiation.wavelength_id                    1 
_diffrn_radiation.pdbx_monochromatic_or_laue_m_l   ? 
_diffrn_radiation.monochromator                    ? 
_diffrn_radiation.pdbx_diffrn_protocol             ? 
_diffrn_radiation.pdbx_scattering_type             x-ray 
# 
_diffrn_radiation_wavelength.id           1 
_diffrn_radiation_wavelength.wavelength   . 
_diffrn_radiation_wavelength.wt           1.0 
# 
_diffrn_source.diffrn_id                   1 
_diffrn_source.source                      ? 
_diffrn_source.type                        ? 
_diffrn_source.pdbx_synchrotron_site       ? 
_diffrn_source.pdbx_synchrotron_beamline   ? 
_diffrn_source.pdbx_wavelength             ? 
_diffrn_source.pdbx_wavelength_list        ? 
# 
_reflns.entry_id                     181D 
_reflns.observed_criterion_sigma_I   ? 
_reflns.observed_criterion_sigma_F   ? 
_reflns.d_resolution_low             ? 
_reflns.d_resolution_high            1.600 
_reflns.number_obs                   3912 
_reflns.number_all                   ? 
_reflns.percent_possible_obs         ? 
_reflns.pdbx_Rmerge_I_obs            ? 
_reflns.pdbx_Rsym_value              ? 
_reflns.pdbx_netI_over_sigmaI        ? 
_reflns.B_iso_Wilson_estimate        ? 
_reflns.pdbx_redundancy              ? 
_reflns.pdbx_diffrn_id               1 
_reflns.pdbx_ordinal                 1 
# 
_refine.entry_id                                 181D 
_refine.ls_number_reflns_obs                     2625 
_refine.ls_number_reflns_all                     ? 
_refine.pdbx_ls_sigma_I                          ? 
_refine.pdbx_ls_sigma_F                          2.000 
_refine.pdbx_data_cutoff_high_absF               ? 
_refine.pdbx_data_cutoff_low_absF                ? 
_refine.pdbx_data_cutoff_high_rms_absF           ? 
_refine.ls_d_res_low                             8.000 
_refine.ls_d_res_high                            1.600 
_refine.ls_percent_reflns_obs                    75.000 
_refine.ls_R_factor_obs                          0.1990000 
_refine.ls_R_factor_all                          ? 
_refine.ls_R_factor_R_work                       ? 
_refine.ls_R_factor_R_free                       ? 
_refine.ls_R_factor_R_free_error                 ? 
_refine.ls_R_factor_R_free_error_details         ? 
_refine.ls_percent_reflns_R_free                 ? 
_refine.ls_number_reflns_R_free                  ? 
_refine.ls_number_parameters                     ? 
_refine.ls_number_restraints                     ? 
_refine.occupancy_min                            ? 
_refine.occupancy_max                            ? 
_refine.B_iso_mean                               ? 
_refine.aniso_B[1][1]                            ? 
_refine.aniso_B[2][2]                            ? 
_refine.aniso_B[3][3]                            ? 
_refine.aniso_B[1][2]                            ? 
_refine.aniso_B[1][3]                            ? 
_refine.aniso_B[2][3]                            ? 
_refine.solvent_model_details                    ? 
_refine.solvent_model_param_ksol                 ? 
_refine.solvent_model_param_bsol                 ? 
_refine.pdbx_ls_cross_valid_method               ? 
_refine.details                                  ? 
_refine.pdbx_starting_model                      ? 
_refine.pdbx_method_to_determine_struct          ? 
_refine.pdbx_isotropic_thermal_model             ? 
_refine.pdbx_stereochemistry_target_values       ? 
_refine.pdbx_stereochem_target_val_spec_case     ? 
_refine.pdbx_R_Free_selection_details            ? 
_refine.pdbx_overall_ESU_R                       ? 
_refine.pdbx_overall_ESU_R_Free                  ? 
_refine.overall_SU_ML                            ? 
_refine.overall_SU_B                             ? 
_refine.pdbx_refine_id                           'X-RAY DIFFRACTION' 
_refine.pdbx_diffrn_id                           1 
_refine.pdbx_TLS_residual_ADP_flag               ? 
_refine.correlation_coeff_Fo_to_Fc               ? 
_refine.correlation_coeff_Fo_to_Fc_free          ? 
_refine.pdbx_solvent_vdw_probe_radii             ? 
_refine.pdbx_solvent_ion_probe_radii             ? 
_refine.pdbx_solvent_shrinkage_radii             ? 
_refine.pdbx_overall_phase_error                 ? 
_refine.overall_SU_R_Cruickshank_DPI             ? 
_refine.pdbx_overall_SU_R_free_Cruickshank_DPI   ? 
_refine.pdbx_overall_SU_R_Blow_DPI               ? 
_refine.pdbx_overall_SU_R_free_Blow_DPI          ? 
# 
_refine_hist.pdbx_refine_id                   'X-RAY DIFFRACTION' 
_refine_hist.cycle_id                         LAST 
_refine_hist.pdbx_number_atoms_protein        0 
_refine_hist.pdbx_number_atoms_nucleic_acid   240 
_refine_hist.pdbx_number_atoms_ligand         0 
_refine_hist.number_atoms_solvent             42 
_refine_hist.number_atoms_total               282 
_refine_hist.d_res_high                       1.600 
_refine_hist.d_res_low                        8.000 
# 
loop_
_refine_ls_restr.type 
_refine_ls_restr.dev_ideal 
_refine_ls_restr.dev_ideal_target 
_refine_ls_restr.weight 
_refine_ls_restr.number 
_refine_ls_restr.pdbx_refine_id 
_refine_ls_restr.pdbx_restraint_function 
n_bond_d               ?      ?     ? ? 'X-RAY DIFFRACTION' ? 
n_angle_d              ?      ?     ? ? 'X-RAY DIFFRACTION' ? 
n_planar_d             ?      ?     ? ? 'X-RAY DIFFRACTION' ? 
n_hb_or_metal_coord    ?      ?     ? ? 'X-RAY DIFFRACTION' ? 
n_sugar_bond_it        8.190  4.000 ? ? 'X-RAY DIFFRACTION' ? 
n_sugar_angle_it       9.400  6.000 ? ? 'X-RAY DIFFRACTION' ? 
n_phos_bond_it         11.020 8.000 ? ? 'X-RAY DIFFRACTION' ? 
n_phos_angle_it        11.830 10.00 ? ? 'X-RAY DIFFRACTION' ? 
n_bond_angle_restr     ?      ?     ? ? 'X-RAY DIFFRACTION' ? 
n_dihedral_angle_restr ?      ?     ? ? 'X-RAY DIFFRACTION' ? 
n_impr_tor             ?      ?     ? ? 'X-RAY DIFFRACTION' ? 
n_sugar_bond_d         0.014  0.020 ? ? 'X-RAY DIFFRACTION' ? 
n_sugar_bond_angle_d   0.041  0.040 ? ? 'X-RAY DIFFRACTION' ? 
n_phos_bond_d          0.127  0.070 ? ? 'X-RAY DIFFRACTION' ? 
n_phos_bond_angle_d    0.076  0.070 ? ? 'X-RAY DIFFRACTION' ? 
n_plane_restr          0.006  0.020 ? ? 'X-RAY DIFFRACTION' ? 
n_chiral_restr         0.034  0.030 ? ? 'X-RAY DIFFRACTION' ? 
n_singtor_nbd          0.118  0.063 ? ? 'X-RAY DIFFRACTION' ? 
n_multtor_nbd          0.185  0.063 ? ? 'X-RAY DIFFRACTION' ? 
n_xhyhbond_nbd         ?      ?     ? ? 'X-RAY DIFFRACTION' ? 
# 
_struct.entry_id                  181D 
_struct.title                     
'SEQUENCE-DEPENDENT MICROHETEROGENEITY OF Z-DNA: THE CRYSTAL AND MOLECULAR STRUCTURES OF D(CACGCG).D(CGCGTG) AND D(CGCACG).D(CGTGCG)' 
_struct.pdbx_model_details        ? 
_struct.pdbx_CASP_flag            ? 
_struct.pdbx_model_type_details   ? 
# 
_struct_keywords.entry_id        181D 
_struct_keywords.pdbx_keywords   DNA 
_struct_keywords.text            'Z-DNA, DOUBLE HELIX, DNA' 
# 
loop_
_struct_asym.id 
_struct_asym.pdbx_blank_PDB_chainid_flag 
_struct_asym.pdbx_modified 
_struct_asym.entity_id 
_struct_asym.details 
A N N 1 ? 
B N N 2 ? 
C N N 3 ? 
D N N 3 ? 
# 
loop_
_struct_ref.id 
_struct_ref.entity_id 
_struct_ref.db_name 
_struct_ref.db_code 
_struct_ref.pdbx_db_accession 
_struct_ref.pdbx_db_isoform 
_struct_ref.pdbx_seq_one_letter_code 
_struct_ref.pdbx_align_begin 
1 1 PDB 181D 181D ? ? ? 
2 2 PDB 181D 181D ? ? ? 
# 
loop_
_struct_ref_seq.align_id 
_struct_ref_seq.ref_id 
_struct_ref_seq.pdbx_PDB_id_code 
_struct_ref_seq.pdbx_strand_id 
_struct_ref_seq.seq_align_beg 
_struct_ref_seq.pdbx_seq_align_beg_ins_code 
_struct_ref_seq.seq_align_end 
_struct_ref_seq.pdbx_seq_align_end_ins_code 
_struct_ref_seq.pdbx_db_accession 
_struct_ref_seq.db_align_beg 
_struct_ref_seq.pdbx_db_align_beg_ins_code 
_struct_ref_seq.db_align_end 
_struct_ref_seq.pdbx_db_align_end_ins_code 
_struct_ref_seq.pdbx_auth_seq_align_beg 
_struct_ref_seq.pdbx_auth_seq_align_end 
1 1 181D A 1 ? 6 ? 181D 1 ? 6  ? 1 6  
2 2 181D B 1 ? 6 ? 181D 7 ? 12 ? 7 12 
# 
_pdbx_struct_assembly.id                   1 
_pdbx_struct_assembly.details              author_defined_assembly 
_pdbx_struct_assembly.method_details       ? 
_pdbx_struct_assembly.oligomeric_details   dimeric 
_pdbx_struct_assembly.oligomeric_count     2 
# 
_pdbx_struct_assembly_gen.assembly_id       1 
_pdbx_struct_assembly_gen.oper_expression   1 
_pdbx_struct_assembly_gen.asym_id_list      A,B,C,D 
# 
_pdbx_struct_oper_list.id                   1 
_pdbx_struct_oper_list.type                 'identity operation' 
_pdbx_struct_oper_list.name                 1_555 
_pdbx_struct_oper_list.symmetry_operation   x,y,z 
_pdbx_struct_oper_list.matrix[1][1]         1.0000000000 
_pdbx_struct_oper_list.matrix[1][2]         0.0000000000 
_pdbx_struct_oper_list.matrix[1][3]         0.0000000000 
_pdbx_struct_oper_list.vector[1]            0.0000000000 
_pdbx_struct_oper_list.matrix[2][1]         0.0000000000 
_pdbx_struct_oper_list.matrix[2][2]         1.0000000000 
_pdbx_struct_oper_list.matrix[2][3]         0.0000000000 
_pdbx_struct_oper_list.vector[2]            0.0000000000 
_pdbx_struct_oper_list.matrix[3][1]         0.0000000000 
_pdbx_struct_oper_list.matrix[3][2]         0.0000000000 
_pdbx_struct_oper_list.matrix[3][3]         1.0000000000 
_pdbx_struct_oper_list.vector[3]            0.0000000000 
# 
_struct_biol.id   1 
# 
loop_
_struct_conn.id 
_struct_conn.conn_type_id 
_struct_conn.pdbx_leaving_atom_flag 
_struct_conn.pdbx_PDB_id 
_struct_conn.ptnr1_label_asym_id 
_struct_conn.ptnr1_label_comp_id 
_struct_conn.ptnr1_label_seq_id 
_struct_conn.ptnr1_label_atom_id 
_struct_conn.pdbx_ptnr1_label_alt_id 
_struct_conn.pdbx_ptnr1_PDB_ins_code 
_struct_conn.pdbx_ptnr1_standard_comp_id 
_struct_conn.ptnr1_symmetry 
_struct_conn.ptnr2_label_asym_id 
_struct_conn.ptnr2_label_comp_id 
_struct_conn.ptnr2_label_seq_id 
_struct_conn.ptnr2_label_atom_id 
_struct_conn.pdbx_ptnr2_label_alt_id 
_struct_conn.pdbx_ptnr2_PDB_ins_code 
_struct_conn.ptnr1_auth_asym_id 
_struct_conn.ptnr1_auth_comp_id 
_struct_conn.ptnr1_auth_seq_id 
_struct_conn.ptnr2_auth_asym_id 
_struct_conn.ptnr2_auth_comp_id 
_struct_conn.ptnr2_auth_seq_id 
_struct_conn.ptnr2_symmetry 
_struct_conn.pdbx_ptnr3_label_atom_id 
_struct_conn.pdbx_ptnr3_label_seq_id 
_struct_conn.pdbx_ptnr3_label_comp_id 
_struct_conn.pdbx_ptnr3_label_asym_id 
_struct_conn.pdbx_ptnr3_label_alt_id 
_struct_conn.pdbx_ptnr3_PDB_ins_code 
_struct_conn.details 
_struct_conn.pdbx_dist_value 
_struct_conn.pdbx_value_order 
_struct_conn.pdbx_role 
hydrog1  hydrog ? ? A DC 1 N3 ? ? ? 1_555 B DG 6 N1 ? ? A DC 1 B DG 12 1_555 ? ? ? ? ? ? WATSON-CRICK ? ? ? 
hydrog2  hydrog ? ? A DC 1 N4 ? ? ? 1_555 B DG 6 O6 ? ? A DC 1 B DG 12 1_555 ? ? ? ? ? ? WATSON-CRICK ? ? ? 
hydrog3  hydrog ? ? A DC 1 O2 ? ? ? 1_555 B DG 6 N2 ? ? A DC 1 B DG 12 1_555 ? ? ? ? ? ? WATSON-CRICK ? ? ? 
hydrog4  hydrog ? ? A DA 2 N1 ? ? ? 1_555 B DT 5 N3 ? ? A DA 2 B DT 11 1_555 ? ? ? ? ? ? WATSON-CRICK ? ? ? 
hydrog5  hydrog ? ? A DA 2 N6 ? ? ? 1_555 B DT 5 O4 ? ? A DA 2 B DT 11 1_555 ? ? ? ? ? ? WATSON-CRICK ? ? ? 
hydrog6  hydrog ? ? A DC 3 N3 ? ? ? 1_555 B DG 4 N1 ? ? A DC 3 B DG 10 1_555 ? ? ? ? ? ? WATSON-CRICK ? ? ? 
hydrog7  hydrog ? ? A DC 3 N4 ? ? ? 1_555 B DG 4 O6 ? ? A DC 3 B DG 10 1_555 ? ? ? ? ? ? WATSON-CRICK ? ? ? 
hydrog8  hydrog ? ? A DC 3 O2 ? ? ? 1_555 B DG 4 N2 ? ? A DC 3 B DG 10 1_555 ? ? ? ? ? ? WATSON-CRICK ? ? ? 
hydrog9  hydrog ? ? A DG 4 N1 ? ? ? 1_555 B DC 3 N3 ? ? A DG 4 B DC 9  1_555 ? ? ? ? ? ? WATSON-CRICK ? ? ? 
hydrog10 hydrog ? ? A DG 4 N2 ? ? ? 1_555 B DC 3 O2 ? ? A DG 4 B DC 9  1_555 ? ? ? ? ? ? WATSON-CRICK ? ? ? 
hydrog11 hydrog ? ? A DG 4 O6 ? ? ? 1_555 B DC 3 N4 ? ? A DG 4 B DC 9  1_555 ? ? ? ? ? ? WATSON-CRICK ? ? ? 
hydrog12 hydrog ? ? A DC 5 N3 ? ? ? 1_555 B DG 2 N1 ? ? A DC 5 B DG 8  1_555 ? ? ? ? ? ? WATSON-CRICK ? ? ? 
hydrog13 hydrog ? ? A DC 5 N4 ? ? ? 1_555 B DG 2 O6 ? ? A DC 5 B DG 8  1_555 ? ? ? ? ? ? WATSON-CRICK ? ? ? 
hydrog14 hydrog ? ? A DC 5 O2 ? ? ? 1_555 B DG 2 N2 ? ? A DC 5 B DG 8  1_555 ? ? ? ? ? ? WATSON-CRICK ? ? ? 
hydrog15 hydrog ? ? A DG 6 N1 ? ? ? 1_555 B DC 1 N3 ? ? A DG 6 B DC 7  1_555 ? ? ? ? ? ? WATSON-CRICK ? ? ? 
hydrog16 hydrog ? ? A DG 6 N2 ? ? ? 1_555 B DC 1 O2 ? ? A DG 6 B DC 7  1_555 ? ? ? ? ? ? WATSON-CRICK ? ? ? 
hydrog17 hydrog ? ? A DG 6 O6 ? ? ? 1_555 B DC 1 N4 ? ? A DG 6 B DC 7  1_555 ? ? ? ? ? ? WATSON-CRICK ? ? ? 
# 
_struct_conn_type.id          hydrog 
_struct_conn_type.criteria    ? 
_struct_conn_type.reference   ? 
# 
loop_
_pdbx_validate_rmsd_bond.id 
_pdbx_validate_rmsd_bond.PDB_model_num 
_pdbx_validate_rmsd_bond.auth_atom_id_1 
_pdbx_validate_rmsd_bond.auth_asym_id_1 
_pdbx_validate_rmsd_bond.auth_comp_id_1 
_pdbx_validate_rmsd_bond.auth_seq_id_1 
_pdbx_validate_rmsd_bond.PDB_ins_code_1 
_pdbx_validate_rmsd_bond.label_alt_id_1 
_pdbx_validate_rmsd_bond.auth_atom_id_2 
_pdbx_validate_rmsd_bond.auth_asym_id_2 
_pdbx_validate_rmsd_bond.auth_comp_id_2 
_pdbx_validate_rmsd_bond.auth_seq_id_2 
_pdbx_validate_rmsd_bond.PDB_ins_code_2 
_pdbx_validate_rmsd_bond.label_alt_id_2 
_pdbx_validate_rmsd_bond.bond_value 
_pdbx_validate_rmsd_bond.bond_target_value 
_pdbx_validate_rmsd_bond.bond_deviation 
_pdbx_validate_rmsd_bond.bond_standard_deviation 
_pdbx_validate_rmsd_bond.linker_flag 
1  1 P     A DA 2  ? ? "O5'" A DA 2  ? ? 1.799 1.593 0.206  0.010 N 
2  1 "O3'" A DA 2  ? ? P     A DC 3  ? ? 1.508 1.607 -0.099 0.012 Y 
3  1 P     A DC 3  ? ? OP2   A DC 3  ? ? 1.747 1.485 0.262  0.017 N 
4  1 "O3'" A DC 3  ? ? P     A DG 4  ? ? 1.694 1.607 0.087  0.012 Y 
5  1 P     A DG 4  ? ? "O5'" A DG 4  ? ? 1.677 1.593 0.084  0.010 N 
6  1 "O4'" A DG 4  ? ? "C1'" A DG 4  ? ? 1.486 1.420 0.066  0.011 N 
7  1 "O4'" A DG 4  ? ? "C4'" A DG 4  ? ? 1.382 1.446 -0.064 0.010 N 
8  1 "O3'" A DG 4  ? ? P     A DC 5  ? ? 1.425 1.607 -0.182 0.012 Y 
9  1 P     A DC 5  ? ? OP1   A DC 5  ? ? 1.785 1.485 0.300  0.017 N 
10 1 P     A DC 5  ? ? "O5'" A DC 5  ? ? 1.512 1.593 -0.081 0.010 N 
11 1 P     B DC 9  ? ? OP2   B DC 9  ? ? 1.590 1.485 0.105  0.017 N 
12 1 "O3'" B DC 9  ? ? P     B DG 10 ? ? 1.681 1.607 0.074  0.012 Y 
13 1 P     B DG 10 ? ? "O5'" B DG 10 ? ? 1.438 1.593 -0.155 0.010 N 
14 1 "O3'" B DG 10 ? ? P     B DT 11 ? ? 1.524 1.607 -0.083 0.012 Y 
# 
loop_
_pdbx_validate_rmsd_angle.id 
_pdbx_validate_rmsd_angle.PDB_model_num 
_pdbx_validate_rmsd_angle.auth_atom_id_1 
_pdbx_validate_rmsd_angle.auth_asym_id_1 
_pdbx_validate_rmsd_angle.auth_comp_id_1 
_pdbx_validate_rmsd_angle.auth_seq_id_1 
_pdbx_validate_rmsd_angle.PDB_ins_code_1 
_pdbx_validate_rmsd_angle.label_alt_id_1 
_pdbx_validate_rmsd_angle.auth_atom_id_2 
_pdbx_validate_rmsd_angle.auth_asym_id_2 
_pdbx_validate_rmsd_angle.auth_comp_id_2 
_pdbx_validate_rmsd_angle.auth_seq_id_2 
_pdbx_validate_rmsd_angle.PDB_ins_code_2 
_pdbx_validate_rmsd_angle.label_alt_id_2 
_pdbx_validate_rmsd_angle.auth_atom_id_3 
_pdbx_validate_rmsd_angle.auth_asym_id_3 
_pdbx_validate_rmsd_angle.auth_comp_id_3 
_pdbx_validate_rmsd_angle.auth_seq_id_3 
_pdbx_validate_rmsd_angle.PDB_ins_code_3 
_pdbx_validate_rmsd_angle.label_alt_id_3 
_pdbx_validate_rmsd_angle.angle_value 
_pdbx_validate_rmsd_angle.angle_target_value 
_pdbx_validate_rmsd_angle.angle_deviation 
_pdbx_validate_rmsd_angle.angle_standard_deviation 
_pdbx_validate_rmsd_angle.linker_flag 
1  1 "O4'" A DC 1  ? ? "C4'" A DC 1  ? ? "C3'" A DC 1  ? ? 101.34 104.50 -3.16  0.40 N 
2  1 "O4'" A DC 1  ? ? "C1'" A DC 1  ? ? N1    A DC 1  ? ? 115.61 108.30 7.31   0.30 N 
3  1 N1    A DC 1  ? ? C2    A DC 1  ? ? O2    A DC 1  ? ? 123.97 118.90 5.07   0.60 N 
4  1 N3    A DC 1  ? ? C2    A DC 1  ? ? O2    A DC 1  ? ? 116.46 121.90 -5.44  0.70 N 
5  1 "C3'" A DC 1  ? ? "O3'" A DC 1  ? ? P     A DA 2  ? ? 130.53 119.70 10.83  1.20 Y 
6  1 OP1   A DA 2  ? ? P     A DA 2  ? ? OP2   A DA 2  ? ? 139.74 119.60 20.14  1.50 N 
7  1 "O5'" A DA 2  ? ? P     A DA 2  ? ? OP1   A DA 2  ? ? 95.58  105.70 -10.12 0.90 N 
8  1 "O5'" A DA 2  ? ? "C5'" A DA 2  ? ? "C4'" A DA 2  ? ? 103.98 109.40 -5.42  0.80 N 
9  1 P     A DA 2  ? ? "O5'" A DA 2  ? ? "C5'" A DA 2  ? ? 109.50 120.90 -11.40 1.60 N 
10 1 "O4'" A DA 2  ? ? "C1'" A DA 2  ? ? "C2'" A DA 2  ? ? 111.58 106.80 4.78   0.50 N 
11 1 "O4'" A DA 2  ? ? "C1'" A DA 2  ? ? N9    A DA 2  ? ? 99.75  108.00 -8.25  0.70 N 
12 1 C6    A DA 2  ? ? N1    A DA 2  ? ? C2    A DA 2  ? ? 124.71 118.60 6.11   0.60 N 
13 1 N1    A DA 2  ? ? C2    A DA 2  ? ? N3    A DA 2  ? ? 120.69 129.30 -8.61  0.50 N 
14 1 C2    A DA 2  ? ? N3    A DA 2  ? ? C4    A DA 2  ? ? 117.69 110.60 7.09   0.50 N 
15 1 C8    A DA 2  ? ? N9    A DA 2  ? ? C4    A DA 2  ? ? 109.57 105.80 3.77   0.40 N 
16 1 N9    A DA 2  ? ? C4    A DA 2  ? ? C5    A DA 2  ? ? 102.20 105.80 -3.60  0.40 N 
17 1 N3    A DA 2  ? ? C4    A DA 2  ? ? N9    A DA 2  ? ? 133.05 127.40 5.65   0.80 N 
18 1 N1    A DA 2  ? ? C6    A DA 2  ? ? N6    A DA 2  ? ? 127.19 118.60 8.59   0.60 N 
19 1 C5    A DA 2  ? ? C6    A DA 2  ? ? N6    A DA 2  ? ? 117.96 123.70 -5.74  0.80 N 
20 1 "O3'" A DA 2  ? ? P     A DC 3  ? ? "O5'" A DC 3  ? ? 118.66 104.00 14.66  1.90 Y 
21 1 OP1   A DC 3  ? ? P     A DC 3  ? ? OP2   A DC 3  ? ? 84.79  119.60 -34.81 1.50 N 
22 1 "O5'" A DC 3  ? ? P     A DC 3  ? ? OP1   A DC 3  ? ? 120.19 110.70 9.49   1.20 N 
23 1 "C3'" A DC 3  ? ? "C2'" A DC 3  ? ? "C1'" A DC 3  ? ? 95.49  102.40 -6.91  0.80 N 
24 1 C6    A DC 3  ? ? N1    A DC 3  ? ? C2    A DC 3  ? ? 124.16 120.30 3.86   0.40 N 
25 1 OP1   A DG 4  ? ? P     A DG 4  ? ? OP2   A DG 4  ? ? 129.24 119.60 9.64   1.50 N 
26 1 "O5'" A DG 4  ? ? P     A DG 4  ? ? OP1   A DG 4  ? ? 98.32  105.70 -7.38  0.90 N 
27 1 "O5'" A DG 4  ? ? "C5'" A DG 4  ? ? "C4'" A DG 4  ? ? 101.28 109.40 -8.12  0.80 N 
28 1 "O4'" A DG 4  ? ? "C1'" A DG 4  ? ? "C2'" A DG 4  ? ? 110.35 106.80 3.55   0.50 N 
29 1 "O4'" A DG 4  ? ? "C1'" A DG 4  ? ? N9    A DG 4  ? ? 103.42 108.00 -4.58  0.70 N 
30 1 "C3'" A DG 4  ? ? "O3'" A DG 4  ? ? P     A DC 5  ? ? 133.19 119.70 13.49  1.20 Y 
31 1 "O3'" A DG 4  ? ? P     A DC 5  ? ? "O5'" A DC 5  ? ? 119.73 104.00 15.73  1.90 Y 
32 1 "O5'" A DC 5  ? ? "C5'" A DC 5  ? ? "C4'" A DC 5  ? ? 103.90 109.40 -5.50  0.80 N 
33 1 "C3'" A DC 5  ? ? "O3'" A DC 5  ? ? P     A DG 6  ? ? 127.25 119.70 7.55   1.20 Y 
34 1 OP1   A DG 6  ? ? P     A DG 6  ? ? OP2   A DG 6  ? ? 106.27 119.60 -13.33 1.50 N 
35 1 "O5'" A DG 6  ? ? P     A DG 6  ? ? OP2   A DG 6  ? ? 125.81 110.70 15.11  1.20 N 
36 1 C5    A DG 6  ? ? C6    A DG 6  ? ? O6    A DG 6  ? ? 124.69 128.60 -3.91  0.60 N 
37 1 "O4'" B DC 7  ? ? "C1'" B DC 7  ? ? N1    B DC 7  ? ? 111.13 108.30 2.83   0.30 N 
38 1 N1    B DC 7  ? ? C2    B DC 7  ? ? O2    B DC 7  ? ? 123.78 118.90 4.88   0.60 N 
39 1 "C3'" B DC 7  ? ? "O3'" B DC 7  ? ? P     B DG 8  ? ? 134.39 119.70 14.69  1.20 Y 
40 1 C6    B DG 8  ? ? N1    B DG 8  ? ? C2    B DG 8  ? ? 121.37 125.10 -3.73  0.60 N 
41 1 C5    B DG 8  ? ? C6    B DG 8  ? ? N1    B DG 8  ? ? 115.47 111.50 3.97   0.50 N 
42 1 "C3'" B DG 8  ? ? "O3'" B DG 8  ? ? P     B DC 9  ? ? 128.01 119.70 8.31   1.20 Y 
43 1 OP1   B DC 9  ? ? P     B DC 9  ? ? OP2   B DC 9  ? ? 110.02 119.60 -9.58  1.50 N 
44 1 "O4'" B DC 9  ? ? "C1'" B DC 9  ? ? N1    B DC 9  ? ? 113.41 108.30 5.11   0.30 N 
45 1 C2    B DC 9  ? ? N3    B DC 9  ? ? C4    B DC 9  ? ? 124.21 119.90 4.31   0.50 N 
46 1 N3    B DC 9  ? ? C4    B DC 9  ? ? C5    B DC 9  ? ? 117.47 121.90 -4.43  0.40 N 
47 1 N3    B DC 9  ? ? C4    B DC 9  ? ? N4    B DC 9  ? ? 122.92 118.00 4.92   0.70 N 
48 1 "O3'" B DC 9  ? ? P     B DG 10 ? ? OP2   B DG 10 ? ? 87.05  105.20 -18.15 2.20 Y 
49 1 "O5'" B DG 10 ? ? P     B DG 10 ? ? OP1   B DG 10 ? ? 123.43 110.70 12.73  1.20 N 
50 1 "O5'" B DG 10 ? ? P     B DG 10 ? ? OP2   B DG 10 ? ? 118.32 110.70 7.62   1.20 N 
51 1 "O4'" B DG 10 ? ? "C1'" B DG 10 ? ? "C2'" B DG 10 ? ? 110.29 106.80 3.49   0.50 N 
52 1 C6    B DG 10 ? ? N1    B DG 10 ? ? C2    B DG 10 ? ? 121.48 125.10 -3.62  0.60 N 
53 1 C5    B DG 10 ? ? C6    B DG 10 ? ? N1    B DG 10 ? ? 114.59 111.50 3.09   0.50 N 
54 1 N7    B DG 10 ? ? C8    B DG 10 ? ? N9    B DG 10 ? ? 116.72 113.10 3.62   0.50 N 
55 1 C5    B DG 10 ? ? C6    B DG 10 ? ? O6    B DG 10 ? ? 122.19 128.60 -6.41  0.60 N 
56 1 "C3'" B DG 10 ? ? "O3'" B DG 10 ? ? P     B DT 11 ? ? 134.89 119.70 15.19  1.20 Y 
57 1 "O5'" B DT 11 ? ? P     B DT 11 ? ? OP2   B DT 11 ? ? 118.57 110.70 7.87   1.20 N 
58 1 C2    B DT 11 ? ? N3    B DT 11 ? ? C4    B DT 11 ? ? 122.12 127.20 -5.08  0.60 N 
59 1 N3    B DT 11 ? ? C4    B DT 11 ? ? C5    B DT 11 ? ? 120.76 115.20 5.56   0.60 N 
60 1 "O3'" B DT 11 ? ? P     B DG 12 ? ? OP1   B DG 12 ? ? 119.90 110.50 9.40   1.10 Y 
61 1 "O5'" B DG 12 ? ? P     B DG 12 ? ? OP2   B DG 12 ? ? 97.47  105.70 -8.23  0.90 N 
62 1 "O5'" B DG 12 ? ? "C5'" B DG 12 ? ? "C4'" B DG 12 ? ? 101.50 109.40 -7.90  0.80 N 
63 1 C6    B DG 12 ? ? N1    B DG 12 ? ? C2    B DG 12 ? ? 119.89 125.10 -5.21  0.60 N 
64 1 N3    B DG 12 ? ? C4    B DG 12 ? ? C5    B DG 12 ? ? 124.85 128.60 -3.75  0.50 N 
65 1 C5    B DG 12 ? ? C6    B DG 12 ? ? N1    B DG 12 ? ? 115.71 111.50 4.21   0.50 N 
66 1 N3    B DG 12 ? ? C4    B DG 12 ? ? N9    B DG 12 ? ? 130.60 126.00 4.60   0.60 N 
67 1 N1    B DG 12 ? ? C6    B DG 12 ? ? O6    B DG 12 ? ? 115.98 119.90 -3.92  0.60 N 
# 
loop_
_refine_B_iso.class 
_refine_B_iso.details 
_refine_B_iso.treatment 
_refine_B_iso.pdbx_refine_id 
'ALL ATOMS'  ? ? 'X-RAY DIFFRACTION' 
'ALL WATERS' ? ? 'X-RAY DIFFRACTION' 
# 
loop_
_refine_occupancy.class 
_refine_occupancy.treatment 
_refine_occupancy.pdbx_refine_id 
'ALL ATOMS'  ? 'X-RAY DIFFRACTION' 
'ALL WATERS' ? 'X-RAY DIFFRACTION' 
# 
loop_
_chem_comp_atom.comp_id 
_chem_comp_atom.atom_id 
_chem_comp_atom.type_symbol 
_chem_comp_atom.pdbx_aromatic_flag 
_chem_comp_atom.pdbx_stereo_config 
_chem_comp_atom.pdbx_ordinal 
DA  OP3    O N N 1   
DA  P      P N N 2   
DA  OP1    O N N 3   
DA  OP2    O N N 4   
DA  "O5'"  O N N 5   
DA  "C5'"  C N N 6   
DA  "C4'"  C N R 7   
DA  "O4'"  O N N 8   
DA  "C3'"  C N S 9   
DA  "O3'"  O N N 10  
DA  "C2'"  C N N 11  
DA  "C1'"  C N R 12  
DA  N9     N Y N 13  
DA  C8     C Y N 14  
DA  N7     N Y N 15  
DA  C5     C Y N 16  
DA  C6     C Y N 17  
DA  N6     N N N 18  
DA  N1     N Y N 19  
DA  C2     C Y N 20  
DA  N3     N Y N 21  
DA  C4     C Y N 22  
DA  HOP3   H N N 23  
DA  HOP2   H N N 24  
DA  "H5'"  H N N 25  
DA  "H5''" H N N 26  
DA  "H4'"  H N N 27  
DA  "H3'"  H N N 28  
DA  "HO3'" H N N 29  
DA  "H2'"  H N N 30  
DA  "H2''" H N N 31  
DA  "H1'"  H N N 32  
DA  H8     H N N 33  
DA  H61    H N N 34  
DA  H62    H N N 35  
DA  H2     H N N 36  
DC  OP3    O N N 37  
DC  P      P N N 38  
DC  OP1    O N N 39  
DC  OP2    O N N 40  
DC  "O5'"  O N N 41  
DC  "C5'"  C N N 42  
DC  "C4'"  C N R 43  
DC  "O4'"  O N N 44  
DC  "C3'"  C N S 45  
DC  "O3'"  O N N 46  
DC  "C2'"  C N N 47  
DC  "C1'"  C N R 48  
DC  N1     N N N 49  
DC  C2     C N N 50  
DC  O2     O N N 51  
DC  N3     N N N 52  
DC  C4     C N N 53  
DC  N4     N N N 54  
DC  C5     C N N 55  
DC  C6     C N N 56  
DC  HOP3   H N N 57  
DC  HOP2   H N N 58  
DC  "H5'"  H N N 59  
DC  "H5''" H N N 60  
DC  "H4'"  H N N 61  
DC  "H3'"  H N N 62  
DC  "HO3'" H N N 63  
DC  "H2'"  H N N 64  
DC  "H2''" H N N 65  
DC  "H1'"  H N N 66  
DC  H41    H N N 67  
DC  H42    H N N 68  
DC  H5     H N N 69  
DC  H6     H N N 70  
DG  OP3    O N N 71  
DG  P      P N N 72  
DG  OP1    O N N 73  
DG  OP2    O N N 74  
DG  "O5'"  O N N 75  
DG  "C5'"  C N N 76  
DG  "C4'"  C N R 77  
DG  "O4'"  O N N 78  
DG  "C3'"  C N S 79  
DG  "O3'"  O N N 80  
DG  "C2'"  C N N 81  
DG  "C1'"  C N R 82  
DG  N9     N Y N 83  
DG  C8     C Y N 84  
DG  N7     N Y N 85  
DG  C5     C Y N 86  
DG  C6     C N N 87  
DG  O6     O N N 88  
DG  N1     N N N 89  
DG  C2     C N N 90  
DG  N2     N N N 91  
DG  N3     N N N 92  
DG  C4     C Y N 93  
DG  HOP3   H N N 94  
DG  HOP2   H N N 95  
DG  "H5'"  H N N 96  
DG  "H5''" H N N 97  
DG  "H4'"  H N N 98  
DG  "H3'"  H N N 99  
DG  "HO3'" H N N 100 
DG  "H2'"  H N N 101 
DG  "H2''" H N N 102 
DG  "H1'"  H N N 103 
DG  H8     H N N 104 
DG  H1     H N N 105 
DG  H21    H N N 106 
DG  H22    H N N 107 
DT  OP3    O N N 108 
DT  P      P N N 109 
DT  OP1    O N N 110 
DT  OP2    O N N 111 
DT  "O5'"  O N N 112 
DT  "C5'"  C N N 113 
DT  "C4'"  C N R 114 
DT  "O4'"  O N N 115 
DT  "C3'"  C N S 116 
DT  "O3'"  O N N 117 
DT  "C2'"  C N N 118 
DT  "C1'"  C N R 119 
DT  N1     N N N 120 
DT  C2     C N N 121 
DT  O2     O N N 122 
DT  N3     N N N 123 
DT  C4     C N N 124 
DT  O4     O N N 125 
DT  C5     C N N 126 
DT  C7     C N N 127 
DT  C6     C N N 128 
DT  HOP3   H N N 129 
DT  HOP2   H N N 130 
DT  "H5'"  H N N 131 
DT  "H5''" H N N 132 
DT  "H4'"  H N N 133 
DT  "H3'"  H N N 134 
DT  "HO3'" H N N 135 
DT  "H2'"  H N N 136 
DT  "H2''" H N N 137 
DT  "H1'"  H N N 138 
DT  H3     H N N 139 
DT  H71    H N N 140 
DT  H72    H N N 141 
DT  H73    H N N 142 
DT  H6     H N N 143 
HOH O      O N N 144 
HOH H1     H N N 145 
HOH H2     H N N 146 
# 
loop_
_chem_comp_bond.comp_id 
_chem_comp_bond.atom_id_1 
_chem_comp_bond.atom_id_2 
_chem_comp_bond.value_order 
_chem_comp_bond.pdbx_aromatic_flag 
_chem_comp_bond.pdbx_stereo_config 
_chem_comp_bond.pdbx_ordinal 
DA  OP3   P      sing N N 1   
DA  OP3   HOP3   sing N N 2   
DA  P     OP1    doub N N 3   
DA  P     OP2    sing N N 4   
DA  P     "O5'"  sing N N 5   
DA  OP2   HOP2   sing N N 6   
DA  "O5'" "C5'"  sing N N 7   
DA  "C5'" "C4'"  sing N N 8   
DA  "C5'" "H5'"  sing N N 9   
DA  "C5'" "H5''" sing N N 10  
DA  "C4'" "O4'"  sing N N 11  
DA  "C4'" "C3'"  sing N N 12  
DA  "C4'" "H4'"  sing N N 13  
DA  "O4'" "C1'"  sing N N 14  
DA  "C3'" "O3'"  sing N N 15  
DA  "C3'" "C2'"  sing N N 16  
DA  "C3'" "H3'"  sing N N 17  
DA  "O3'" "HO3'" sing N N 18  
DA  "C2'" "C1'"  sing N N 19  
DA  "C2'" "H2'"  sing N N 20  
DA  "C2'" "H2''" sing N N 21  
DA  "C1'" N9     sing N N 22  
DA  "C1'" "H1'"  sing N N 23  
DA  N9    C8     sing Y N 24  
DA  N9    C4     sing Y N 25  
DA  C8    N7     doub Y N 26  
DA  C8    H8     sing N N 27  
DA  N7    C5     sing Y N 28  
DA  C5    C6     sing Y N 29  
DA  C5    C4     doub Y N 30  
DA  C6    N6     sing N N 31  
DA  C6    N1     doub Y N 32  
DA  N6    H61    sing N N 33  
DA  N6    H62    sing N N 34  
DA  N1    C2     sing Y N 35  
DA  C2    N3     doub Y N 36  
DA  C2    H2     sing N N 37  
DA  N3    C4     sing Y N 38  
DC  OP3   P      sing N N 39  
DC  OP3   HOP3   sing N N 40  
DC  P     OP1    doub N N 41  
DC  P     OP2    sing N N 42  
DC  P     "O5'"  sing N N 43  
DC  OP2   HOP2   sing N N 44  
DC  "O5'" "C5'"  sing N N 45  
DC  "C5'" "C4'"  sing N N 46  
DC  "C5'" "H5'"  sing N N 47  
DC  "C5'" "H5''" sing N N 48  
DC  "C4'" "O4'"  sing N N 49  
DC  "C4'" "C3'"  sing N N 50  
DC  "C4'" "H4'"  sing N N 51  
DC  "O4'" "C1'"  sing N N 52  
DC  "C3'" "O3'"  sing N N 53  
DC  "C3'" "C2'"  sing N N 54  
DC  "C3'" "H3'"  sing N N 55  
DC  "O3'" "HO3'" sing N N 56  
DC  "C2'" "C1'"  sing N N 57  
DC  "C2'" "H2'"  sing N N 58  
DC  "C2'" "H2''" sing N N 59  
DC  "C1'" N1     sing N N 60  
DC  "C1'" "H1'"  sing N N 61  
DC  N1    C2     sing N N 62  
DC  N1    C6     sing N N 63  
DC  C2    O2     doub N N 64  
DC  C2    N3     sing N N 65  
DC  N3    C4     doub N N 66  
DC  C4    N4     sing N N 67  
DC  C4    C5     sing N N 68  
DC  N4    H41    sing N N 69  
DC  N4    H42    sing N N 70  
DC  C5    C6     doub N N 71  
DC  C5    H5     sing N N 72  
DC  C6    H6     sing N N 73  
DG  OP3   P      sing N N 74  
DG  OP3   HOP3   sing N N 75  
DG  P     OP1    doub N N 76  
DG  P     OP2    sing N N 77  
DG  P     "O5'"  sing N N 78  
DG  OP2   HOP2   sing N N 79  
DG  "O5'" "C5'"  sing N N 80  
DG  "C5'" "C4'"  sing N N 81  
DG  "C5'" "H5'"  sing N N 82  
DG  "C5'" "H5''" sing N N 83  
DG  "C4'" "O4'"  sing N N 84  
DG  "C4'" "C3'"  sing N N 85  
DG  "C4'" "H4'"  sing N N 86  
DG  "O4'" "C1'"  sing N N 87  
DG  "C3'" "O3'"  sing N N 88  
DG  "C3'" "C2'"  sing N N 89  
DG  "C3'" "H3'"  sing N N 90  
DG  "O3'" "HO3'" sing N N 91  
DG  "C2'" "C1'"  sing N N 92  
DG  "C2'" "H2'"  sing N N 93  
DG  "C2'" "H2''" sing N N 94  
DG  "C1'" N9     sing N N 95  
DG  "C1'" "H1'"  sing N N 96  
DG  N9    C8     sing Y N 97  
DG  N9    C4     sing Y N 98  
DG  C8    N7     doub Y N 99  
DG  C8    H8     sing N N 100 
DG  N7    C5     sing Y N 101 
DG  C5    C6     sing N N 102 
DG  C5    C4     doub Y N 103 
DG  C6    O6     doub N N 104 
DG  C6    N1     sing N N 105 
DG  N1    C2     sing N N 106 
DG  N1    H1     sing N N 107 
DG  C2    N2     sing N N 108 
DG  C2    N3     doub N N 109 
DG  N2    H21    sing N N 110 
DG  N2    H22    sing N N 111 
DG  N3    C4     sing N N 112 
DT  OP3   P      sing N N 113 
DT  OP3   HOP3   sing N N 114 
DT  P     OP1    doub N N 115 
DT  P     OP2    sing N N 116 
DT  P     "O5'"  sing N N 117 
DT  OP2   HOP2   sing N N 118 
DT  "O5'" "C5'"  sing N N 119 
DT  "C5'" "C4'"  sing N N 120 
DT  "C5'" "H5'"  sing N N 121 
DT  "C5'" "H5''" sing N N 122 
DT  "C4'" "O4'"  sing N N 123 
DT  "C4'" "C3'"  sing N N 124 
DT  "C4'" "H4'"  sing N N 125 
DT  "O4'" "C1'"  sing N N 126 
DT  "C3'" "O3'"  sing N N 127 
DT  "C3'" "C2'"  sing N N 128 
DT  "C3'" "H3'"  sing N N 129 
DT  "O3'" "HO3'" sing N N 130 
DT  "C2'" "C1'"  sing N N 131 
DT  "C2'" "H2'"  sing N N 132 
DT  "C2'" "H2''" sing N N 133 
DT  "C1'" N1     sing N N 134 
DT  "C1'" "H1'"  sing N N 135 
DT  N1    C2     sing N N 136 
DT  N1    C6     sing N N 137 
DT  C2    O2     doub N N 138 
DT  C2    N3     sing N N 139 
DT  N3    C4     sing N N 140 
DT  N3    H3     sing N N 141 
DT  C4    O4     doub N N 142 
DT  C4    C5     sing N N 143 
DT  C5    C7     sing N N 144 
DT  C5    C6     doub N N 145 
DT  C7    H71    sing N N 146 
DT  C7    H72    sing N N 147 
DT  C7    H73    sing N N 148 
DT  C6    H6     sing N N 149 
HOH O     H1     sing N N 150 
HOH O     H2     sing N N 151 
# 
_ndb_struct_conf_na.entry_id   181D 
_ndb_struct_conf_na.feature    'z-form double helix' 
# 
loop_
_ndb_struct_na_base_pair.model_number 
_ndb_struct_na_base_pair.i_label_asym_id 
_ndb_struct_na_base_pair.i_label_comp_id 
_ndb_struct_na_base_pair.i_label_seq_id 
_ndb_struct_na_base_pair.i_symmetry 
_ndb_struct_na_base_pair.j_label_asym_id 
_ndb_struct_na_base_pair.j_label_comp_id 
_ndb_struct_na_base_pair.j_label_seq_id 
_ndb_struct_na_base_pair.j_symmetry 
_ndb_struct_na_base_pair.shear 
_ndb_struct_na_base_pair.stretch 
_ndb_struct_na_base_pair.stagger 
_ndb_struct_na_base_pair.buckle 
_ndb_struct_na_base_pair.propeller 
_ndb_struct_na_base_pair.opening 
_ndb_struct_na_base_pair.pair_number 
_ndb_struct_na_base_pair.pair_name 
_ndb_struct_na_base_pair.i_auth_asym_id 
_ndb_struct_na_base_pair.i_auth_seq_id 
_ndb_struct_na_base_pair.i_PDB_ins_code 
_ndb_struct_na_base_pair.j_auth_asym_id 
_ndb_struct_na_base_pair.j_auth_seq_id 
_ndb_struct_na_base_pair.j_PDB_ins_code 
_ndb_struct_na_base_pair.hbond_type_28 
_ndb_struct_na_base_pair.hbond_type_12 
1 A DC 1 1_555 B DG 6 1_555 -0.432 -0.195 0.059  3.102  -0.318 3.362 1 A_DC1:DG12_B A 1 ? B 12 ? 19 1 
1 A DA 2 1_555 B DT 5 1_555 0.539  -0.367 -0.160 -5.480 -1.551 4.737 2 A_DA2:DT11_B A 2 ? B 11 ? 20 1 
1 A DC 3 1_555 B DG 4 1_555 -0.218 -0.186 0.299  7.311  0.499  3.564 3 A_DC3:DG10_B A 3 ? B 10 ? 19 1 
1 A DG 4 1_555 B DC 3 1_555 0.269  -0.126 -0.141 -8.066 2.064  4.493 4 A_DG4:DC9_B  A 4 ? B 9  ? 19 1 
1 A DC 5 1_555 B DG 2 1_555 -0.440 -0.198 -0.008 8.629  -1.836 1.732 5 A_DC5:DG8_B  A 5 ? B 8  ? 19 1 
1 A DG 6 1_555 B DC 1 1_555 0.023  -0.064 -0.017 -3.317 -3.063 2.002 6 A_DG6:DC7_B  A 6 ? B 7  ? 19 1 
# 
loop_
_ndb_struct_na_base_pair_step.model_number 
_ndb_struct_na_base_pair_step.i_label_asym_id_1 
_ndb_struct_na_base_pair_step.i_label_comp_id_1 
_ndb_struct_na_base_pair_step.i_label_seq_id_1 
_ndb_struct_na_base_pair_step.i_symmetry_1 
_ndb_struct_na_base_pair_step.j_label_asym_id_1 
_ndb_struct_na_base_pair_step.j_label_comp_id_1 
_ndb_struct_na_base_pair_step.j_label_seq_id_1 
_ndb_struct_na_base_pair_step.j_symmetry_1 
_ndb_struct_na_base_pair_step.i_label_asym_id_2 
_ndb_struct_na_base_pair_step.i_label_comp_id_2 
_ndb_struct_na_base_pair_step.i_label_seq_id_2 
_ndb_struct_na_base_pair_step.i_symmetry_2 
_ndb_struct_na_base_pair_step.j_label_asym_id_2 
_ndb_struct_na_base_pair_step.j_label_comp_id_2 
_ndb_struct_na_base_pair_step.j_label_seq_id_2 
_ndb_struct_na_base_pair_step.j_symmetry_2 
_ndb_struct_na_base_pair_step.shift 
_ndb_struct_na_base_pair_step.slide 
_ndb_struct_na_base_pair_step.rise 
_ndb_struct_na_base_pair_step.tilt 
_ndb_struct_na_base_pair_step.roll 
_ndb_struct_na_base_pair_step.twist 
_ndb_struct_na_base_pair_step.x_displacement 
_ndb_struct_na_base_pair_step.y_displacement 
_ndb_struct_na_base_pair_step.helical_rise 
_ndb_struct_na_base_pair_step.inclination 
_ndb_struct_na_base_pair_step.tip 
_ndb_struct_na_base_pair_step.helical_twist 
_ndb_struct_na_base_pair_step.step_number 
_ndb_struct_na_base_pair_step.step_name 
_ndb_struct_na_base_pair_step.i_auth_asym_id_1 
_ndb_struct_na_base_pair_step.i_auth_seq_id_1 
_ndb_struct_na_base_pair_step.i_PDB_ins_code_1 
_ndb_struct_na_base_pair_step.j_auth_asym_id_1 
_ndb_struct_na_base_pair_step.j_auth_seq_id_1 
_ndb_struct_na_base_pair_step.j_PDB_ins_code_1 
_ndb_struct_na_base_pair_step.i_auth_asym_id_2 
_ndb_struct_na_base_pair_step.i_auth_seq_id_2 
_ndb_struct_na_base_pair_step.i_PDB_ins_code_2 
_ndb_struct_na_base_pair_step.j_auth_asym_id_2 
_ndb_struct_na_base_pair_step.j_auth_seq_id_2 
_ndb_struct_na_base_pair_step.j_PDB_ins_code_2 
1 A DC 1 1_555 B DG 6 1_555 A DA 2 1_555 B DT 5 1_555 0.223  5.259  3.694 0.150  -2.734 -3.862  -26.196 4.754  6.043 35.293 1.936  
-4.734  1 AA_DC1DA2:DT11DG12_BB A 1 ? B 12 ? A 2 ? B 11 ? 
1 A DA 2 1_555 B DT 5 1_555 A DC 3 1_555 B DG 4 1_555 -0.018 -1.025 3.209 -2.912 -3.340 -53.010 1.352   -0.200 3.139 3.735  -3.256 
-53.181 2 AA_DA2DC3:DG10DT11_BB A 2 ? B 11 ? A 3 ? B 10 ? 
1 A DC 3 1_555 B DG 4 1_555 A DG 4 1_555 B DC 3 1_555 0.164  5.396  3.938 2.421  -2.828 -8.000  -25.047 9.653  5.254 18.978 16.247 
-8.823  3 AA_DC3DG4:DC9DG10_BB  A 3 ? B 10 ? A 4 ? B 9  ? 
1 A DG 4 1_555 B DC 3 1_555 A DC 5 1_555 B DG 2 1_555 -0.331 -0.946 3.108 -0.718 -2.241 -51.202 1.239   -0.429 3.063 2.592  -0.830 
-51.252 4 AA_DG4DC5:DG8DC9_BB   A 4 ? B 9  ? A 5 ? B 8  ? 
1 A DC 5 1_555 B DG 2 1_555 A DG 6 1_555 B DC 1 1_555 0.165  5.564  3.746 -0.195 -2.414 -11.277 -23.186 0.459  4.827 12.102 -0.979 
-11.534 5 AA_DC5DG6:DC7DG8_BB   A 5 ? B 8  ? A 6 ? B 7  ? 
# 
_atom_sites.entry_id                    181D 
_atom_sites.fract_transf_matrix[1][1]   -0.05124631 
_atom_sites.fract_transf_matrix[1][2]   -0.02256595 
_atom_sites.fract_transf_matrix[1][3]   0.00591264 
_atom_sites.fract_transf_matrix[2][1]   -0.01008886 
_atom_sites.fract_transf_matrix[2][2]   0.02681798 
_atom_sites.fract_transf_matrix[2][3]   0.01490976 
_atom_sites.fract_transf_matrix[3][1]   -0.00608224 
_atom_sites.fract_transf_matrix[3][2]   0.00865512 
_atom_sites.fract_transf_matrix[3][3]   -0.01968347 
_atom_sites.fract_transf_vector[1]      0.218977 
_atom_sites.fract_transf_vector[2]      -0.002716 
_atom_sites.fract_transf_vector[3]      0.122464 
# 
loop_
_atom_type.symbol 
C 
N 
O 
P 
# 
loop_
_atom_site.group_PDB 
_atom_site.id 
_atom_site.type_symbol 
_atom_site.label_atom_id 
_atom_site.label_alt_id 
_atom_site.label_comp_id 
_atom_site.label_asym_id 
_atom_site.label_entity_id 
_atom_site.label_seq_id 
_atom_site.pdbx_PDB_ins_code 
_atom_site.Cartn_x 
_atom_site.Cartn_y 
_atom_site.Cartn_z 
_atom_site.occupancy 
_atom_site.B_iso_or_equiv 
_atom_site.pdbx_formal_charge 
_atom_site.auth_seq_id 
_atom_site.auth_comp_id 
_atom_site.auth_asym_id 
_atom_site.auth_atom_id 
_atom_site.pdbx_PDB_model_num 
ATOM   1   O "O5'" . DC  A 1 1 ? 8.517   -2.960  6.917   1.00 10.51 ? 1  DC  A "O5'" 1 
ATOM   2   C "C5'" . DC  A 1 1 ? 7.940   -1.953  6.089   1.00 8.46  ? 1  DC  A "C5'" 1 
ATOM   3   C "C4'" . DC  A 1 1 ? 6.672   -1.314  6.645   1.00 13.16 ? 1  DC  A "C4'" 1 
ATOM   4   O "O4'" . DC  A 1 1 ? 5.459   -1.897  6.154   1.00 22.65 ? 1  DC  A "O4'" 1 
ATOM   5   C "C3'" . DC  A 1 1 ? 6.473   -1.430  8.145   1.00 8.90  ? 1  DC  A "C3'" 1 
ATOM   6   O "O3'" . DC  A 1 1 ? 5.645   -0.427  8.735   1.00 14.09 ? 1  DC  A "O3'" 1 
ATOM   7   C "C2'" . DC  A 1 1 ? 5.767   -2.779  8.359   1.00 12.09 ? 1  DC  A "C2'" 1 
ATOM   8   C "C1'" . DC  A 1 1 ? 4.817   -2.707  7.170   1.00 31.32 ? 1  DC  A "C1'" 1 
ATOM   9   N N1    . DC  A 1 1 ? 4.513   -4.096  6.780   1.00 15.17 ? 1  DC  A N1    1 
ATOM   10  C C2    . DC  A 1 1 ? 3.272   -4.593  7.144   1.00 12.96 ? 1  DC  A C2    1 
ATOM   11  O O2    . DC  A 1 1 ? 2.441   -3.958  7.766   1.00 12.52 ? 1  DC  A O2    1 
ATOM   12  N N3    . DC  A 1 1 ? 2.939   -5.874  6.820   1.00 8.01  ? 1  DC  A N3    1 
ATOM   13  C C4    . DC  A 1 1 ? 3.825   -6.660  6.145   1.00 14.35 ? 1  DC  A C4    1 
ATOM   14  N N4    . DC  A 1 1 ? 3.480   -7.913  5.838   1.00 20.48 ? 1  DC  A N4    1 
ATOM   15  C C5    . DC  A 1 1 ? 5.105   -6.154  5.758   1.00 14.35 ? 1  DC  A C5    1 
ATOM   16  C C6    . DC  A 1 1 ? 5.400   -4.888  6.103   1.00 8.90  ? 1  DC  A C6    1 
ATOM   17  P P     . DA  A 1 2 ? 6.000   1.033   9.252   1.00 26.62 ? 2  DA  A P     1 
ATOM   18  O OP1   . DA  A 1 2 ? 7.221   0.699   10.023  1.00 36.20 ? 2  DA  A OP1   1 
ATOM   19  O OP2   . DA  A 1 2 ? 4.843   1.946   9.315   1.00 34.20 ? 2  DA  A OP2   1 
ATOM   20  O "O5'" . DA  A 1 2 ? 6.868   1.556   7.766   1.00 29.70 ? 2  DA  A "O5'" 1 
ATOM   21  C "C5'" . DA  A 1 2 ? 5.992   2.332   6.950   1.00 15.25 ? 2  DA  A "C5'" 1 
ATOM   22  C "C4'" . DA  A 1 2 ? 6.822   2.683   5.761   1.00 7.10  ? 2  DA  A "C4'" 1 
ATOM   23  O "O4'" . DA  A 1 2 ? 7.476   1.520   5.337   1.00 9.33  ? 2  DA  A "O4'" 1 
ATOM   24  C "C3'" . DA  A 1 2 ? 6.001   3.165   4.560   1.00 6.91  ? 2  DA  A "C3'" 1 
ATOM   25  O "O3'" . DA  A 1 2 ? 5.855   4.572   4.487   1.00 24.22 ? 2  DA  A "O3'" 1 
ATOM   26  C "C2'" . DA  A 1 2 ? 6.764   2.693   3.335   1.00 6.97  ? 2  DA  A "C2'" 1 
ATOM   27  C "C1'" . DA  A 1 2 ? 7.625   1.640   3.881   1.00 6.11  ? 2  DA  A "C1'" 1 
ATOM   28  N N9    . DA  A 1 2 ? 7.235   0.301   3.484   1.00 10.06 ? 2  DA  A N9    1 
ATOM   29  C C8    . DA  A 1 2 ? 8.148   -0.554  2.916   1.00 8.45  ? 2  DA  A C8    1 
ATOM   30  N N7    . DA  A 1 2 ? 7.629   -1.728  2.677   1.00 27.52 ? 2  DA  A N7    1 
ATOM   31  C C5    . DA  A 1 2 ? 6.314   -1.613  3.145   1.00 19.31 ? 2  DA  A C5    1 
ATOM   32  C C6    . DA  A 1 2 ? 5.258   -2.569  3.157   1.00 13.56 ? 2  DA  A C6    1 
ATOM   33  N N6    . DA  A 1 2 ? 5.499   -3.762  2.655   1.00 14.23 ? 2  DA  A N6    1 
ATOM   34  N N1    . DA  A 1 2 ? 4.084   -2.121  3.696   1.00 12.81 ? 2  DA  A N1    1 
ATOM   35  C C2    . DA  A 1 2 ? 3.892   -0.871  4.209   1.00 12.69 ? 2  DA  A C2    1 
ATOM   36  N N3    . DA  A 1 2 ? 4.858   0.020   4.185   1.00 4.57  ? 2  DA  A N3    1 
ATOM   37  C C4    . DA  A 1 2 ? 6.041   -0.354  3.666   1.00 14.12 ? 2  DA  A C4    1 
ATOM   38  P P     . DC  A 1 3 ? 4.551   5.316   4.349   1.00 33.90 ? 3  DC  A P     1 
ATOM   39  O OP1   . DC  A 1 3 ? 4.484   6.724   4.993   1.00 29.34 ? 3  DC  A OP1   1 
ATOM   40  O OP2   . DC  A 1 3 ? 3.690   4.796   5.778   1.00 21.07 ? 3  DC  A OP2   1 
ATOM   41  O "O5'" . DC  A 1 3 ? 3.590   4.944   3.156   1.00 31.11 ? 3  DC  A "O5'" 1 
ATOM   42  C "C5'" . DC  A 1 3 ? 2.315   5.594   2.941   1.00 26.39 ? 3  DC  A "C5'" 1 
ATOM   43  C "C4'" . DC  A 1 3 ? 1.184   4.643   2.583   1.00 15.90 ? 3  DC  A "C4'" 1 
ATOM   44  O "O4'" . DC  A 1 3 ? 1.615   3.759   1.589   1.00 13.80 ? 3  DC  A "O4'" 1 
ATOM   45  C "C3'" . DC  A 1 3 ? 0.652   3.743   3.723   1.00 20.88 ? 3  DC  A "C3'" 1 
ATOM   46  O "O3'" . DC  A 1 3 ? -0.772  3.603   3.742   1.00 16.36 ? 3  DC  A "O3'" 1 
ATOM   47  C "C2'" . DC  A 1 3 ? 1.306   2.383   3.493   1.00 8.35  ? 3  DC  A "C2'" 1 
ATOM   48  C "C1'" . DC  A 1 3 ? 1.230   2.440   1.986   1.00 8.16  ? 3  DC  A "C1'" 1 
ATOM   49  N N1    . DC  A 1 3 ? 2.179   1.491   1.423   1.00 6.14  ? 3  DC  A N1    1 
ATOM   50  C C2    . DC  A 1 3 ? 1.726   0.205   1.216   1.00 13.84 ? 3  DC  A C2    1 
ATOM   51  O O2    . DC  A 1 3 ? 0.575   -0.128  1.486   1.00 11.07 ? 3  DC  A O2    1 
ATOM   52  N N3    . DC  A 1 3 ? 2.633   -0.692  0.694   1.00 13.51 ? 3  DC  A N3    1 
ATOM   53  C C4    . DC  A 1 3 ? 3.909   -0.269  0.420   1.00 32.61 ? 3  DC  A C4    1 
ATOM   54  N N4    . DC  A 1 3 ? 4.759   -1.169  -0.082  1.00 12.48 ? 3  DC  A N4    1 
ATOM   55  C C5    . DC  A 1 3 ? 4.340   1.069   0.652   1.00 7.17  ? 3  DC  A C5    1 
ATOM   56  C C6    . DC  A 1 3 ? 3.446   1.910   1.145   1.00 11.06 ? 3  DC  A C6    1 
ATOM   57  P P     . DG  A 1 4 ? -1.728  4.700   4.610   1.00 28.49 ? 4  DG  A P     1 
ATOM   58  O OP1   . DG  A 1 4 ? -1.021  5.078   5.778   1.00 17.39 ? 4  DG  A OP1   1 
ATOM   59  O OP2   . DG  A 1 4 ? -3.209  4.429   4.431   1.00 38.92 ? 4  DG  A OP2   1 
ATOM   60  O "O5'" . DG  A 1 4 ? -1.472  6.091   3.710   1.00 35.91 ? 4  DG  A "O5'" 1 
ATOM   61  C "C5'" . DG  A 1 4 ? -2.502  6.295   2.727   1.00 13.98 ? 4  DG  A "C5'" 1 
ATOM   62  C "C4'" . DG  A 1 4 ? -1.989  7.534   2.011   1.00 6.78  ? 4  DG  A "C4'" 1 
ATOM   63  O "O4'" . DG  A 1 4 ? -0.611  7.569   1.916   1.00 10.20 ? 4  DG  A "O4'" 1 
ATOM   64  C "C3'" . DG  A 1 4 ? -2.453  7.572   0.545   1.00 9.23  ? 4  DG  A "C3'" 1 
ATOM   65  O "O3'" . DG  A 1 4 ? -3.769  8.060   0.485   1.00 18.56 ? 4  DG  A "O3'" 1 
ATOM   66  C "C2'" . DG  A 1 4 ? -1.484  8.492   -0.167  1.00 10.78 ? 4  DG  A "C2'" 1 
ATOM   67  C "C1'" . DG  A 1 4 ? -0.278  8.333   0.685   1.00 11.73 ? 4  DG  A "C1'" 1 
ATOM   68  N N9    . DG  A 1 4 ? 0.792   7.550   0.081   1.00 11.12 ? 4  DG  A N9    1 
ATOM   69  C C8    . DG  A 1 4 ? 2.093   7.967   -0.107  1.00 13.93 ? 4  DG  A C8    1 
ATOM   70  N N7    . DG  A 1 4 ? 2.856   7.074   -0.623  1.00 14.59 ? 4  DG  A N7    1 
ATOM   71  C C5    . DG  A 1 4 ? 1.982   5.979   -0.814  1.00 27.13 ? 4  DG  A C5    1 
ATOM   72  C C6    . DG  A 1 4 ? 2.233   4.676   -1.358  1.00 14.19 ? 4  DG  A C6    1 
ATOM   73  O O6    . DG  A 1 4 ? 3.312   4.290   -1.785  1.00 9.84  ? 4  DG  A O6    1 
ATOM   74  N N1    . DG  A 1 4 ? 1.124   3.851   -1.369  1.00 13.07 ? 4  DG  A N1    1 
ATOM   75  C C2    . DG  A 1 4 ? -0.099  4.247   -0.883  1.00 13.58 ? 4  DG  A C2    1 
ATOM   76  N N2    . DG  A 1 4 ? -0.994  3.269   -0.985  1.00 6.07  ? 4  DG  A N2    1 
ATOM   77  N N3    . DG  A 1 4 ? -0.393  5.438   -0.375  1.00 7.45  ? 4  DG  A N3    1 
ATOM   78  C C4    . DG  A 1 4 ? 0.697   6.249   -0.365  1.00 9.87  ? 4  DG  A C4    1 
ATOM   79  P P     . DC  A 1 5 ? -4.948  7.609   -0.177  1.00 30.41 ? 5  DC  A P     1 
ATOM   80  O OP1   . DC  A 1 5 ? -5.638  9.253   -0.242  1.00 34.78 ? 5  DC  A OP1   1 
ATOM   81  O OP2   . DC  A 1 5 ? -5.546  6.513   0.669   1.00 22.90 ? 5  DC  A OP2   1 
ATOM   82  O "O5'" . DC  A 1 5 ? -4.867  7.134   -1.610  1.00 30.75 ? 5  DC  A "O5'" 1 
ATOM   83  C "C5'" . DC  A 1 5 ? -5.910  7.178   -2.610  1.00 7.85  ? 5  DC  A "C5'" 1 
ATOM   84  C "C4'" . DC  A 1 5 ? -5.631  5.967   -3.482  1.00 10.35 ? 5  DC  A "C4'" 1 
ATOM   85  O "O4'" . DC  A 1 5 ? -4.390  6.147   -4.092  1.00 17.38 ? 5  DC  A "O4'" 1 
ATOM   86  C "C3'" . DC  A 1 5 ? -5.505  4.681   -2.715  1.00 13.14 ? 5  DC  A "C3'" 1 
ATOM   87  O "O3'" . DC  A 1 5 ? -6.156  3.628   -3.428  1.00 27.60 ? 5  DC  A "O3'" 1 
ATOM   88  C "C2'" . DC  A 1 5 ? -3.992  4.455   -2.606  1.00 9.51  ? 5  DC  A "C2'" 1 
ATOM   89  C "C1'" . DC  A 1 5 ? -3.562  5.000   -3.952  1.00 11.59 ? 5  DC  A "C1'" 1 
ATOM   90  N N1    . DC  A 1 5 ? -2.169  5.431   -4.025  1.00 12.27 ? 5  DC  A N1    1 
ATOM   91  C C2    . DC  A 1 5 ? -1.226  4.490   -4.416  1.00 5.79  ? 5  DC  A C2    1 
ATOM   92  O O2    . DC  A 1 5 ? -1.568  3.353   -4.683  1.00 15.07 ? 5  DC  A O2    1 
ATOM   93  N N3    . DC  A 1 5 ? 0.081   4.814   -4.499  1.00 10.82 ? 5  DC  A N3    1 
ATOM   94  C C4    . DC  A 1 5 ? 0.500   6.080   -4.204  1.00 6.34  ? 5  DC  A C4    1 
ATOM   95  N N4    . DC  A 1 5 ? 1.779   6.382   -4.299  1.00 11.39 ? 5  DC  A N4    1 
ATOM   96  C C5    . DC  A 1 5 ? -0.454  7.063   -3.796  1.00 23.19 ? 5  DC  A C5    1 
ATOM   97  C C6    . DC  A 1 5 ? -1.760  6.701   -3.725  1.00 14.50 ? 5  DC  A C6    1 
ATOM   98  P P     . DG  A 1 6 ? -7.546  2.936   -3.069  1.00 20.79 ? 6  DG  A P     1 
ATOM   99  O OP1   . DG  A 1 6 ? -7.545  2.811   -1.576  1.00 20.97 ? 6  DG  A OP1   1 
ATOM   100 O OP2   . DG  A 1 6 ? -7.653  1.580   -3.593  1.00 31.17 ? 6  DG  A OP2   1 
ATOM   101 O "O5'" . DG  A 1 6 ? -8.511  4.176   -3.451  1.00 10.35 ? 6  DG  A "O5'" 1 
ATOM   102 C "C5'" . DG  A 1 6 ? -8.943  4.253   -4.813  1.00 8.15  ? 6  DG  A "C5'" 1 
ATOM   103 C "C4'" . DG  A 1 6 ? -9.952  5.391   -4.854  1.00 9.35  ? 6  DG  A "C4'" 1 
ATOM   104 O "O4'" . DG  A 1 6 ? -9.279  6.560   -4.441  1.00 13.63 ? 6  DG  A "O4'" 1 
ATOM   105 C "C3'" . DG  A 1 6 ? -10.506 5.634   -6.247  1.00 13.44 ? 6  DG  A "C3'" 1 
ATOM   106 O "O3'" . DG  A 1 6 ? -11.877 6.035   -6.288  1.00 16.56 ? 6  DG  A "O3'" 1 
ATOM   107 C "C2'" . DG  A 1 6 ? -9.553  6.721   -6.780  1.00 12.98 ? 6  DG  A "C2'" 1 
ATOM   108 C "C1'" . DG  A 1 6 ? -9.240  7.484   -5.520  1.00 6.80  ? 6  DG  A "C1'" 1 
ATOM   109 N N9    . DG  A 1 6 ? -7.908  8.053   -5.549  1.00 9.81  ? 6  DG  A N9    1 
ATOM   110 C C8    . DG  A 1 6 ? -7.594  9.319   -5.105  1.00 9.06  ? 6  DG  A C8    1 
ATOM   111 N N7    . DG  A 1 6 ? -6.342  9.622   -5.237  1.00 9.18  ? 6  DG  A N7    1 
ATOM   112 C C5    . DG  A 1 6 ? -5.781  8.493   -5.800  1.00 16.80 ? 6  DG  A C5    1 
ATOM   113 C C6    . DG  A 1 6 ? -4.430  8.240   -6.187  1.00 15.41 ? 6  DG  A C6    1 
ATOM   114 O O6    . DG  A 1 6 ? -3.488  9.046   -6.047  1.00 13.78 ? 6  DG  A O6    1 
ATOM   115 N N1    . DG  A 1 6 ? -4.259  6.978   -6.739  1.00 12.08 ? 6  DG  A N1    1 
ATOM   116 C C2    . DG  A 1 6 ? -5.285  6.087   -6.890  1.00 6.75  ? 6  DG  A C2    1 
ATOM   117 N N2    . DG  A 1 6 ? -4.951  4.908   -7.414  1.00 4.04  ? 6  DG  A N2    1 
ATOM   118 N N3    . DG  A 1 6 ? -6.559  6.292   -6.533  1.00 12.86 ? 6  DG  A N3    1 
ATOM   119 C C4    . DG  A 1 6 ? -6.731  7.514   -5.998  1.00 15.63 ? 6  DG  A C4    1 
ATOM   120 O "O5'" . DC  B 2 1 ? 3.386   3.378   -10.510 1.00 16.95 ? 7  DC  B "O5'" 1 
ATOM   121 C "C5'" . DC  B 2 1 ? 3.392   2.102   -9.895  1.00 8.68  ? 7  DC  B "C5'" 1 
ATOM   122 C "C4'" . DC  B 2 1 ? 1.987   1.796   -9.423  1.00 9.03  ? 7  DC  B "C4'" 1 
ATOM   123 O "O4'" . DC  B 2 1 ? 1.546   2.732   -8.454  1.00 11.81 ? 7  DC  B "O4'" 1 
ATOM   124 C "C3'" . DC  B 2 1 ? 0.953   1.845   -10.539 1.00 5.20  ? 7  DC  B "C3'" 1 
ATOM   125 O "O3'" . DC  B 2 1 ? 0.069   0.748   -10.526 1.00 11.74 ? 7  DC  B "O3'" 1 
ATOM   126 C "C2'" . DC  B 2 1 ? 0.155   3.114   -10.278 1.00 9.63  ? 7  DC  B "C2'" 1 
ATOM   127 C "C1'" . DC  B 2 1 ? 0.227   3.134   -8.763  1.00 4.05  ? 7  DC  B "C1'" 1 
ATOM   128 N N1    . DC  B 2 1 ? -0.039  4.483   -8.276  1.00 9.43  ? 7  DC  B N1    1 
ATOM   129 C C2    . DC  B 2 1 ? -1.335  4.822   -7.944  1.00 4.79  ? 7  DC  B C2    1 
ATOM   130 O O2    . DC  B 2 1 ? -2.280  4.050   -8.022  1.00 17.64 ? 7  DC  B O2    1 
ATOM   131 N N3    . DC  B 2 1 ? -1.539  6.087   -7.508  1.00 9.97  ? 7  DC  B N3    1 
ATOM   132 C C4    . DC  B 2 1 ? -0.533  6.978   -7.392  1.00 9.11  ? 7  DC  B C4    1 
ATOM   133 N N4    . DC  B 2 1 ? -0.836  8.204   -6.952  1.00 14.32 ? 7  DC  B N4    1 
ATOM   134 C C5    . DC  B 2 1 ? 0.804   6.615   -7.746  1.00 11.23 ? 7  DC  B C5    1 
ATOM   135 C C6    . DC  B 2 1 ? 0.975   5.367   -8.169  1.00 6.92  ? 7  DC  B C6    1 
ATOM   136 P P     . DG  B 2 2 ? 0.117   -0.727  -11.122 1.00 15.33 ? 8  DG  B P     1 
ATOM   137 O OP1   . DG  B 2 2 ? 0.564   -0.475  -12.552 1.00 10.75 ? 8  DG  B OP1   1 
ATOM   138 O OP2   . DG  B 2 2 ? -1.199  -1.082  -10.669 1.00 23.52 ? 8  DG  B OP2   1 
ATOM   139 O "O5'" . DG  B 2 2 ? 1.206   -1.507  -10.303 1.00 10.77 ? 8  DG  B "O5'" 1 
ATOM   140 C "C5'" . DG  B 2 2 ? 1.097   -1.968  -8.943  1.00 6.62  ? 8  DG  B "C5'" 1 
ATOM   141 C "C4'" . DG  B 2 2 ? 2.497   -2.360  -8.517  1.00 3.80  ? 8  DG  B "C4'" 1 
ATOM   142 O "O4'" . DG  B 2 2 ? 3.407   -1.308  -8.660  1.00 12.31 ? 8  DG  B "O4'" 1 
ATOM   143 C "C3'" . DG  B 2 2 ? 2.478   -2.732  -7.044  1.00 20.44 ? 8  DG  B "C3'" 1 
ATOM   144 O "O3'" . DG  B 2 2 ? 2.419   -4.163  -6.878  1.00 22.62 ? 8  DG  B "O3'" 1 
ATOM   145 C "C2'" . DG  B 2 2 ? 3.730   -2.138  -6.459  1.00 9.17  ? 8  DG  B "C2'" 1 
ATOM   146 C "C1'" . DG  B 2 2 ? 4.279   -1.282  -7.547  1.00 9.30  ? 8  DG  B "C1'" 1 
ATOM   147 N N9    . DG  B 2 2 ? 4.347   0.101   -7.057  1.00 10.88 ? 8  DG  B N9    1 
ATOM   148 C C8    . DG  B 2 2 ? 5.446   0.915   -7.094  1.00 14.52 ? 8  DG  B C8    1 
ATOM   149 N N7    . DG  B 2 2 ? 5.193   2.106   -6.584  1.00 13.27 ? 8  DG  B N7    1 
ATOM   150 C C5    . DG  B 2 2 ? 3.854   2.074   -6.205  1.00 7.27  ? 8  DG  B C5    1 
ATOM   151 C C6    . DG  B 2 2 ? 3.002   3.042   -5.612  1.00 11.89 ? 8  DG  B C6    1 
ATOM   152 O O6    . DG  B 2 2 ? 3.298   4.193   -5.288  1.00 27.63 ? 8  DG  B O6    1 
ATOM   153 N N1    . DG  B 2 2 ? 1.723   2.638   -5.389  1.00 7.24  ? 8  DG  B N1    1 
ATOM   154 C C2    . DG  B 2 2 ? 1.309   1.398   -5.726  1.00 12.28 ? 8  DG  B C2    1 
ATOM   155 N N2    . DG  B 2 2 ? 0.029   1.073   -5.478  1.00 27.67 ? 8  DG  B N2    1 
ATOM   156 N N3    . DG  B 2 2 ? 2.068   0.452   -6.274  1.00 13.33 ? 8  DG  B N3    1 
ATOM   157 C C4    . DG  B 2 2 ? 3.325   0.840   -6.497  1.00 9.27  ? 8  DG  B C4    1 
ATOM   158 P P     . DC  B 2 3 ? 1.338   -4.992  -6.151  1.00 26.84 ? 9  DC  B P     1 
ATOM   159 O OP1   . DC  B 2 3 ? 1.822   -6.435  -5.944  1.00 31.33 ? 9  DC  B OP1   1 
ATOM   160 O OP2   . DC  B 2 3 ? 0.135   -4.965  -7.190  1.00 15.76 ? 9  DC  B OP2   1 
ATOM   161 O "O5'" . DC  B 2 3 ? 0.866   -4.367  -4.811  1.00 16.75 ? 9  DC  B "O5'" 1 
ATOM   162 C "C5'" . DC  B 2 3 ? 0.436   -5.178  -3.684  1.00 25.22 ? 9  DC  B "C5'" 1 
ATOM   163 C "C4'" . DC  B 2 3 ? -0.519  -4.310  -2.900  1.00 4.67  ? 9  DC  B "C4'" 1 
ATOM   164 O "O4'" . DC  B 2 3 ? 0.179   -3.320  -2.188  1.00 11.46 ? 9  DC  B "O4'" 1 
ATOM   165 C "C3'" . DC  B 2 3 ? -1.496  -3.537  -3.777  1.00 8.46  ? 9  DC  B "C3'" 1 
ATOM   166 O "O3'" . DC  B 2 3 ? -2.737  -3.412  -3.120  1.00 14.03 ? 9  DC  B "O3'" 1 
ATOM   167 C "C2'" . DC  B 2 3 ? -0.768  -2.209  -4.002  1.00 13.28 ? 9  DC  B "C2'" 1 
ATOM   168 C "C1'" . DC  B 2 3 ? -0.183  -2.010  -2.592  1.00 7.06  ? 9  DC  B "C1'" 1 
ATOM   169 N N1    . DC  B 2 3 ? 0.947   -1.079  -2.628  1.00 10.79 ? 9  DC  B N1    1 
ATOM   170 C C2    . DC  B 2 3 ? 0.691   0.239   -2.295  1.00 9.05  ? 9  DC  B C2    1 
ATOM   171 O O2    . DC  B 2 3 ? -0.464  0.539   -1.994  1.00 9.44  ? 9  DC  B O2    1 
ATOM   172 N N3    . DC  B 2 3 ? 1.728   1.107   -2.336  1.00 9.22  ? 9  DC  B N3    1 
ATOM   173 C C4    . DC  B 2 3 ? 2.987   0.769   -2.680  1.00 7.12  ? 9  DC  B C4    1 
ATOM   174 N N4    . DC  B 2 3 ? 3.984   1.647   -2.728  1.00 10.74 ? 9  DC  B N4    1 
ATOM   175 C C5    . DC  B 2 3 ? 3.233   -0.601  -3.022  1.00 8.23  ? 9  DC  B C5    1 
ATOM   176 C C6    . DC  B 2 3 ? 2.214   -1.457  -2.983  1.00 8.17  ? 9  DC  B C6    1 
ATOM   177 P P     . DG  B 2 4 ? -3.966  -4.528  -3.383  1.00 16.62 ? 10 DG  B P     1 
ATOM   178 O OP1   . DG  B 2 4 ? -4.095  -4.439  -4.859  1.00 13.39 ? 10 DG  B OP1   1 
ATOM   179 O OP2   . DG  B 2 4 ? -4.910  -3.548  -2.621  1.00 31.71 ? 10 DG  B OP2   1 
ATOM   180 O "O5'" . DG  B 2 4 ? -3.508  -5.707  -2.698  1.00 12.26 ? 10 DG  B "O5'" 1 
ATOM   181 C "C5'" . DG  B 2 4 ? -3.434  -5.787  -1.262  1.00 7.63  ? 10 DG  B "C5'" 1 
ATOM   182 C "C4'" . DG  B 2 4 ? -2.692  -7.060  -0.893  1.00 5.48  ? 10 DG  B "C4'" 1 
ATOM   183 O "O4'" . DG  B 2 4 ? -1.472  -7.178  -1.585  1.00 10.73 ? 10 DG  B "O4'" 1 
ATOM   184 C "C3'" . DG  B 2 4 ? -2.324  -7.137  0.601   1.00 7.83  ? 10 DG  B "C3'" 1 
ATOM   185 O "O3'" . DG  B 2 4 ? -3.377  -7.684  1.376   1.00 31.11 ? 10 DG  B "O3'" 1 
ATOM   186 C "C2'" . DG  B 2 4 ? -1.106  -8.030  0.645   1.00 14.66 ? 10 DG  B "C2'" 1 
ATOM   187 C "C1'" . DG  B 2 4 ? -0.541  -7.882  -0.735  1.00 8.36  ? 10 DG  B "C1'" 1 
ATOM   188 N N9    . DG  B 2 4 ? 0.688   -7.086  -0.750  1.00 7.85  ? 10 DG  B N9    1 
ATOM   189 C C8    . DG  B 2 4 ? 1.889   -7.462  -1.235  1.00 11.73 ? 10 DG  B C8    1 
ATOM   190 N N7    . DG  B 2 4 ? 2.848   -6.594  -1.154  1.00 19.09 ? 10 DG  B N7    1 
ATOM   191 C C5    . DG  B 2 4 ? 2.209   -5.530  -0.536  1.00 18.32 ? 10 DG  B C5    1 
ATOM   192 C C6    . DG  B 2 4 ? 2.720   -4.249  -0.145  1.00 38.23 ? 10 DG  B C6    1 
ATOM   193 O O6    . DG  B 2 4 ? 3.894   -3.922  -0.343  1.00 16.50 ? 10 DG  B O6    1 
ATOM   194 N N1    . DG  B 2 4 ? 1.793   -3.418  0.456   1.00 13.14 ? 10 DG  B N1    1 
ATOM   195 C C2    . DG  B 2 4 ? 0.510   -3.818  0.662   1.00 6.01  ? 10 DG  B C2    1 
ATOM   196 N N2    . DG  B 2 4 ? -0.298  -2.946  1.249   1.00 8.30  ? 10 DG  B N2    1 
ATOM   197 N N3    . DG  B 2 4 ? 0.006   -4.993  0.326   1.00 16.17 ? 10 DG  B N3    1 
ATOM   198 C C4    . DG  B 2 4 ? 0.891   -5.815  -0.273  1.00 16.95 ? 10 DG  B C4    1 
ATOM   199 P P     . DT  B 2 5 ? -4.278  -7.162  2.489   1.00 34.93 ? 11 DT  B P     1 
ATOM   200 O OP1   . DT  B 2 5 ? -5.259  -8.297  2.887   1.00 36.02 ? 11 DT  B OP1   1 
ATOM   201 O OP2   . DT  B 2 5 ? -4.967  -5.905  1.909   1.00 20.07 ? 11 DT  B OP2   1 
ATOM   202 O "O5'" . DT  B 2 5 ? -3.327  -6.992  3.707   1.00 16.42 ? 11 DT  B "O5'" 1 
ATOM   203 C "C5'" . DT  B 2 5 ? -3.664  -6.809  5.081   1.00 11.14 ? 11 DT  B "C5'" 1 
ATOM   204 C "C4'" . DT  B 2 5 ? -2.913  -5.617  5.658   1.00 17.63 ? 11 DT  B "C4'" 1 
ATOM   205 O "O4'" . DT  B 2 5 ? -1.509  -5.670  5.572   1.00 15.07 ? 11 DT  B "O4'" 1 
ATOM   206 C "C3'" . DT  B 2 5 ? -3.292  -4.291  4.935   1.00 18.73 ? 11 DT  B "C3'" 1 
ATOM   207 O "O3'" . DT  B 2 5 ? -3.662  -3.395  5.977   1.00 14.85 ? 11 DT  B "O3'" 1 
ATOM   208 C "C2'" . DT  B 2 5 ? -2.091  -3.881  4.125   1.00 8.83  ? 11 DT  B "C2'" 1 
ATOM   209 C "C1'" . DT  B 2 5 ? -1.007  -4.448  5.019   1.00 6.61  ? 11 DT  B "C1'" 1 
ATOM   210 N N1    . DT  B 2 5 ? 0.230   -4.833  4.336   1.00 11.63 ? 11 DT  B N1    1 
ATOM   211 C C2    . DT  B 2 5 ? 1.224   -3.892  4.208   1.00 6.94  ? 11 DT  B C2    1 
ATOM   212 O O2    . DT  B 2 5 ? 1.043   -2.760  4.645   1.00 17.31 ? 11 DT  B O2    1 
ATOM   213 N N3    . DT  B 2 5 ? 2.350   -4.300  3.584   1.00 6.73  ? 11 DT  B N3    1 
ATOM   214 C C4    . DT  B 2 5 ? 2.493   -5.562  3.108   1.00 23.54 ? 11 DT  B C4    1 
ATOM   215 O O4    . DT  B 2 5 ? 3.584   -5.844  2.520   1.00 16.69 ? 11 DT  B O4    1 
ATOM   216 C C5    . DT  B 2 5 ? 1.454   -6.522  3.266   1.00 19.04 ? 11 DT  B C5    1 
ATOM   217 C C7    . DT  B 2 5 ? 1.586   -7.929  2.753   1.00 36.33 ? 11 DT  B C7    1 
ATOM   218 C C6    . DT  B 2 5 ? 0.354   -6.104  3.896   1.00 11.99 ? 11 DT  B C6    1 
ATOM   219 P P     . DG  B 2 6 ? -5.191  -3.051  6.301   1.00 20.09 ? 12 DG  B P     1 
ATOM   220 O OP1   . DG  B 2 6 ? -6.101  -2.911  5.267   1.00 26.44 ? 12 DG  B OP1   1 
ATOM   221 O OP2   . DG  B 2 6 ? -5.020  -2.115  7.432   1.00 33.93 ? 12 DG  B OP2   1 
ATOM   222 O "O5'" . DG  B 2 6 ? -5.519  -4.389  7.181   1.00 13.61 ? 12 DG  B "O5'" 1 
ATOM   223 C "C5'" . DG  B 2 6 ? -5.010  -4.512  8.549   1.00 7.31  ? 12 DG  B "C5'" 1 
ATOM   224 C "C4'" . DG  B 2 6 ? -5.722  -5.776  9.026   1.00 6.05  ? 12 DG  B "C4'" 1 
ATOM   225 O "O4'" . DG  B 2 6 ? -5.200  -6.816  8.225   1.00 10.39 ? 12 DG  B "O4'" 1 
ATOM   226 C "C3'" . DG  B 2 6 ? -5.544  -6.176  10.478  1.00 15.67 ? 12 DG  B "C3'" 1 
ATOM   227 O "O3'" . DG  B 2 6 ? -6.662  -6.888  11.028  1.00 24.32 ? 12 DG  B "O3'" 1 
ATOM   228 C "C2'" . DG  B 2 6 ? -4.318  -7.081  10.473  1.00 12.83 ? 12 DG  B "C2'" 1 
ATOM   229 C "C1'" . DG  B 2 6 ? -4.559  -7.756  9.143   1.00 9.82  ? 12 DG  B "C1'" 1 
ATOM   230 N N9    . DG  B 2 6 ? -3.319  -8.197  8.515   1.00 14.47 ? 12 DG  B N9    1 
ATOM   231 C C8    . DG  B 2 6 ? -3.145  -9.431  7.954   1.00 24.38 ? 12 DG  B C8    1 
ATOM   232 N N7    . DG  B 2 6 ? -1.952  -9.577  7.435   1.00 40.14 ? 12 DG  B N7    1 
ATOM   233 C C5    . DG  B 2 6 ? -1.304  -8.358  7.674   1.00 39.01 ? 12 DG  B C5    1 
ATOM   234 C C6    . DG  B 2 6 ? 0.019   -7.922  7.341   1.00 32.28 ? 12 DG  B C6    1 
ATOM   235 O O6    . DG  B 2 6 ? 0.906   -8.549  6.755   1.00 16.10 ? 12 DG  B O6    1 
ATOM   236 N N1    . DG  B 2 6 ? 0.339   -6.638  7.724   1.00 18.95 ? 12 DG  B N1    1 
ATOM   237 C C2    . DG  B 2 6 ? -0.588  -5.870  8.390   1.00 10.28 ? 12 DG  B C2    1 
ATOM   238 N N2    . DG  B 2 6 ? -0.137  -4.666  8.678   1.00 13.29 ? 12 DG  B N2    1 
ATOM   239 N N3    . DG  B 2 6 ? -1.833  -6.230  8.733   1.00 14.15 ? 12 DG  B N3    1 
ATOM   240 C C4    . DG  B 2 6 ? -2.155  -7.488  8.355   1.00 12.07 ? 12 DG  B C4    1 
HETATM 241 O O     . HOH C 3 . ? 5.643   -9.190  4.044   1.00 24.73 ? 16 HOH A O     1 
HETATM 242 O O     . HOH C 3 . ? 0.793   -0.936  7.739   1.00 25.74 ? 18 HOH A O     1 
HETATM 243 O O     . HOH C 3 . ? 4.920   5.427   8.627   1.00 28.48 ? 21 HOH A O     1 
HETATM 244 O O     . HOH C 3 . ? 1.956   2.183   6.485   1.00 30.86 ? 23 HOH A O     1 
HETATM 245 O O     . HOH C 3 . ? -0.653  -0.731  3.730   1.00 31.50 ? 25 HOH A O     1 
HETATM 246 O O     . HOH C 3 . ? -3.050  1.773   3.448   1.00 27.31 ? 27 HOH A O     1 
HETATM 247 O O     . HOH C 3 . ? 5.959   4.913   1.368   1.00 26.00 ? 29 HOH A O     1 
HETATM 248 O O     . HOH C 3 . ? 7.484   3.334   -0.274  1.00 34.76 ? 30 HOH A O     1 
HETATM 249 O O     . HOH C 3 . ? 4.980   8.181   1.828   1.00 29.52 ? 32 HOH A O     1 
HETATM 250 O O     . HOH C 3 . ? -5.804  0.209   1.508   1.00 33.59 ? 33 HOH A O     1 
HETATM 251 O O     . HOH C 3 . ? -3.742  3.525   0.647   1.00 15.00 ? 36 HOH A O     1 
HETATM 252 O O     . HOH C 3 . ? -5.842  11.840  -3.227  1.00 20.35 ? 37 HOH A O     1 
HETATM 253 O O     . HOH C 3 . ? -5.432  0.773   -0.894  1.00 27.84 ? 38 HOH A O     1 
HETATM 254 O O     . HOH C 3 . ? 12.197  -4.975  15.338  1.00 27.79 ? 39 HOH A O     1 
HETATM 255 O O     . HOH C 3 . ? 4.738   8.487   -1.849  1.00 27.61 ? 40 HOH A O     1 
HETATM 256 O O     . HOH C 3 . ? -3.747  0.808   -4.854  1.00 34.76 ? 45 HOH A O     1 
HETATM 257 O O     . HOH C 3 . ? 6.858   -1.139  14.637  1.00 36.47 ? 47 HOH A O     1 
HETATM 258 O O     . HOH C 3 . ? -3.793  9.704   -2.925  1.00 23.80 ? 48 HOH A O     1 
HETATM 259 O O     . HOH C 3 . ? 10.473  -1.004  12.395  1.00 28.94 ? 50 HOH A O     1 
HETATM 260 O O     . HOH C 3 . ? -6.134  2.091   -6.890  1.00 19.14 ? 51 HOH A O     1 
HETATM 261 O O     . HOH C 3 . ? 9.329   -3.146  9.805   1.00 21.33 ? 54 HOH A O     1 
HETATM 262 O O     . HOH D 3 . ? -3.563  2.287   -9.737  1.00 22.88 ? 13 HOH B O     1 
HETATM 263 O O     . HOH D 3 . ? 3.020   2.947   -13.733 1.00 27.02 ? 14 HOH B O     1 
HETATM 264 O O     . HOH D 3 . ? -1.803  -2.381  9.517   1.00 26.79 ? 15 HOH B O     1 
HETATM 265 O O     . HOH D 3 . ? -0.359  -10.132 4.138   1.00 22.98 ? 17 HOH B O     1 
HETATM 266 O O     . HOH D 3 . ? -5.544  0.054   9.909   1.00 26.07 ? 19 HOH B O     1 
HETATM 267 O O     . HOH D 3 . ? -5.840  -10.367 5.098   1.00 27.33 ? 20 HOH B O     1 
HETATM 268 O O     . HOH D 3 . ? -3.405  -10.070 3.562   1.00 27.83 ? 22 HOH B O     1 
HETATM 269 O O     . HOH D 3 . ? -6.250  1.236   7.259   1.00 24.98 ? 24 HOH B O     1 
HETATM 270 O O     . HOH D 3 . ? 5.796   -5.000  -1.430  1.00 33.41 ? 26 HOH B O     1 
HETATM 271 O O     . HOH D 3 . ? -3.219  -2.932  1.137   1.00 14.45 ? 28 HOH B O     1 
HETATM 272 O O     . HOH D 3 . ? -0.304  -12.522 6.845   1.00 27.13 ? 31 HOH B O     1 
HETATM 273 O O     . HOH D 3 . ? 7.003   1.083   -3.239  1.00 13.97 ? 34 HOH B O     1 
HETATM 274 O O     . HOH D 3 . ? -2.543  0.270   -0.677  1.00 27.60 ? 35 HOH B O     1 
HETATM 275 O O     . HOH D 3 . ? -3.015  -6.267  -6.951  1.00 18.11 ? 41 HOH B O     1 
HETATM 276 O O     . HOH D 3 . ? -1.767  -4.689  -8.924  1.00 31.66 ? 42 HOH B O     1 
HETATM 277 O O     . HOH D 3 . ? -7.772  -2.287  -4.713  1.00 28.43 ? 43 HOH B O     1 
HETATM 278 O O     . HOH D 3 . ? 1.851   -7.057  -9.824  1.00 29.73 ? 44 HOH B O     1 
HETATM 279 O O     . HOH D 3 . ? -1.930  -0.959  -7.011  1.00 20.54 ? 46 HOH B O     1 
HETATM 280 O O     . HOH D 3 . ? -3.267  1.457   -7.110  1.00 27.33 ? 49 HOH B O     1 
HETATM 281 O O     . HOH D 3 . ? 3.807   -8.043  -7.229  1.00 17.07 ? 52 HOH B O     1 
HETATM 282 O O     . HOH D 3 . ? -3.889  -0.410  -9.868  1.00 26.58 ? 53 HOH B O     1 
# 
